data_8S81
#
_entry.id   8S81
#
_cell.length_a   126.350
_cell.length_b   126.350
_cell.length_c   324.940
_cell.angle_alpha   90.00
_cell.angle_beta   90.00
_cell.angle_gamma   120.00
#
_symmetry.space_group_name_H-M   'H 3 2'
#
loop_
_entity.id
_entity.type
_entity.pdbx_description
1 polymer 'HMG-CoA synthase-like protein'
2 non-polymer 1,2-ETHANEDIOL
3 water water
#
_entity_poly.entity_id   1
_entity_poly.type   'polypeptide(L)'
_entity_poly.pdbx_seq_one_letter_code
;GPGS(MSE)KPVGIEAINVYCGETYVDVPTLFAARQLDDSRIDNL(MSE)(MSE)ARKSVALHCEDAVSFAVNAAKPIVD
ALSEEERGRIELLIVGTESGVDFGKSLATYVHDHLGLPRSCRLFETKQACYSGTAATQ(MSE)AAAVVAASPFDGAKALV
ISSDVARPVPHTYVEPSQGAGAVA(MSE)LISDQPVVASFDRGANGFHSYEV(MSE)DTCRPDPEAEAGDVDLSLLTYID
CLKSSFTDYARKVEGADLVDSFDLLA(MSE)HTPFPG(MSE)VKGAHRAVLRKLKR(MSE)SPQAVEDDFAARLSAAVEY
PRQVGNIYAGTVFLALASTIDNAVIDRERRVGIFSYGSGCSSEFYSAVVTPESQRAVRA(MSE)GIRQALDDRYELSVPE
YDELLTATAELKFGARDFTFDLDRFPQITKARFGGGTSRPRLVLEAVRNYHREYVWLGDGR
;
_entity_poly.pdbx_strand_id   A,B
#
# COMPACT_ATOMS: atom_id res chain seq x y z
N PRO A 7 15.33 19.40 6.11
CA PRO A 7 13.97 19.92 5.91
C PRO A 7 13.24 19.15 4.81
N VAL A 8 12.12 18.52 5.14
CA VAL A 8 11.41 17.67 4.16
C VAL A 8 9.93 18.05 4.15
N GLY A 9 9.31 17.99 2.98
CA GLY A 9 7.86 18.22 2.91
C GLY A 9 7.36 18.33 1.50
N ILE A 10 6.31 19.12 1.32
CA ILE A 10 5.64 19.28 0.00
C ILE A 10 6.34 20.39 -0.75
N GLU A 11 6.96 20.02 -1.87
CA GLU A 11 7.58 20.97 -2.82
C GLU A 11 6.49 21.60 -3.70
N ALA A 12 5.49 20.81 -4.08
CA ALA A 12 4.46 21.25 -5.05
C ALA A 12 3.21 20.45 -4.78
N ILE A 13 2.06 21.07 -5.02
CA ILE A 13 0.75 20.44 -4.80
C ILE A 13 -0.15 20.86 -5.93
N ASN A 14 -1.00 19.93 -6.33
CA ASN A 14 -2.09 20.25 -7.26
C ASN A 14 -3.25 19.30 -7.00
N VAL A 15 -4.42 19.66 -7.52
CA VAL A 15 -5.72 19.01 -7.24
C VAL A 15 -6.33 18.81 -8.60
N TYR A 16 -7.01 17.69 -8.81
CA TYR A 16 -8.03 17.55 -9.87
C TYR A 16 -9.28 16.99 -9.21
N CYS A 17 -10.29 17.85 -9.15
CA CYS A 17 -11.60 17.56 -8.52
C CYS A 17 -12.68 17.42 -9.59
N GLY A 18 -12.29 16.93 -10.76
CA GLY A 18 -13.21 16.61 -11.87
C GLY A 18 -13.71 17.86 -12.56
N GLU A 19 -14.67 17.67 -13.45
CA GLU A 19 -15.09 18.74 -14.40
C GLU A 19 -16.60 18.97 -14.25
N THR A 20 -17.23 18.25 -13.34
CA THR A 20 -18.68 18.41 -13.08
C THR A 20 -18.91 18.50 -11.57
N TYR A 21 -20.03 19.11 -11.21
CA TYR A 21 -20.55 19.09 -9.82
C TYR A 21 -22.07 19.00 -9.81
N VAL A 22 -22.62 18.53 -8.70
CA VAL A 22 -24.07 18.65 -8.41
C VAL A 22 -24.24 19.49 -7.14
N ASP A 23 -25.24 20.34 -7.17
CA ASP A 23 -25.56 21.22 -6.03
C ASP A 23 -26.09 20.35 -4.87
N VAL A 24 -25.56 20.52 -3.64
CA VAL A 24 -25.87 19.55 -2.55
C VAL A 24 -27.30 19.76 -2.03
N PRO A 25 -27.77 20.99 -1.76
CA PRO A 25 -29.15 21.20 -1.31
C PRO A 25 -30.16 20.65 -2.33
N THR A 26 -29.92 20.85 -3.63
CA THR A 26 -30.78 20.31 -4.71
C THR A 26 -30.81 18.78 -4.65
N LEU A 27 -29.67 18.12 -4.47
CA LEU A 27 -29.67 16.64 -4.41
C LEU A 27 -30.41 16.13 -3.16
N PHE A 28 -30.13 16.72 -2.00
CA PHE A 28 -30.86 16.47 -0.72
C PHE A 28 -32.36 16.48 -1.00
N ALA A 29 -32.83 17.57 -1.61
CA ALA A 29 -34.27 17.79 -1.86
C ALA A 29 -34.74 16.68 -2.80
N ALA A 30 -34.03 16.42 -3.91
CA ALA A 30 -34.43 15.47 -4.96
C ALA A 30 -34.45 14.07 -4.38
N ARG A 31 -33.61 13.77 -3.39
CA ARG A 31 -33.52 12.42 -2.76
C ARG A 31 -34.60 12.24 -1.65
N GLN A 32 -35.35 13.30 -1.34
CA GLN A 32 -36.40 13.34 -0.27
C GLN A 32 -35.76 12.95 1.07
N LEU A 33 -34.70 13.65 1.45
CA LEU A 33 -34.01 13.46 2.74
C LEU A 33 -34.45 14.59 3.69
N LEU A 41 -24.55 18.82 7.56
CA LEU A 41 -23.49 18.53 6.57
C LEU A 41 -22.63 19.77 6.29
N ALA A 44 -21.88 22.52 0.12
CA ALA A 44 -22.42 23.34 -0.94
C ALA A 44 -22.52 22.56 -2.27
N ARG A 45 -21.41 21.98 -2.75
CA ARG A 45 -21.41 21.30 -4.07
C ARG A 45 -20.55 20.05 -3.94
N LYS A 46 -20.77 19.05 -4.79
CA LYS A 46 -19.90 17.86 -4.78
C LYS A 46 -19.42 17.56 -6.19
N SER A 47 -18.13 17.27 -6.31
CA SER A 47 -17.52 16.85 -7.58
C SER A 47 -18.15 15.51 -7.98
N VAL A 48 -18.42 15.35 -9.26
CA VAL A 48 -18.88 14.08 -9.86
C VAL A 48 -17.91 13.68 -10.99
N ALA A 49 -17.47 12.43 -11.02
CA ALA A 49 -16.64 11.83 -12.09
C ALA A 49 -17.55 11.54 -13.30
N LEU A 50 -17.04 11.81 -14.50
CA LEU A 50 -17.60 11.30 -15.80
C LEU A 50 -17.57 9.77 -15.70
N HIS A 51 -18.47 9.08 -16.39
CA HIS A 51 -18.53 7.60 -16.33
C HIS A 51 -17.19 6.96 -16.69
N CYS A 52 -16.42 7.61 -17.56
CA CYS A 52 -15.14 7.10 -18.13
C CYS A 52 -13.94 7.67 -17.34
N GLU A 53 -14.10 8.04 -16.08
CA GLU A 53 -12.93 8.51 -15.27
C GLU A 53 -12.70 7.47 -14.21
N ASP A 54 -11.45 7.30 -13.77
CA ASP A 54 -11.16 6.42 -12.63
C ASP A 54 -10.08 7.05 -11.77
N ALA A 55 -9.59 6.34 -10.76
CA ALA A 55 -8.63 6.91 -9.79
C ALA A 55 -7.31 7.17 -10.54
N VAL A 56 -6.97 6.30 -11.48
CA VAL A 56 -5.79 6.49 -12.36
C VAL A 56 -5.90 7.82 -13.12
N SER A 57 -7.02 8.02 -13.81
CA SER A 57 -7.14 9.17 -14.73
C SER A 57 -7.23 10.45 -13.89
N PHE A 58 -7.90 10.40 -12.73
CA PHE A 58 -7.89 11.54 -11.78
C PHE A 58 -6.45 11.84 -11.34
N ALA A 59 -5.70 10.80 -10.94
CA ALA A 59 -4.31 10.92 -10.45
C ALA A 59 -3.42 11.57 -11.52
N VAL A 60 -3.53 11.12 -12.77
CA VAL A 60 -2.71 11.67 -13.90
C VAL A 60 -3.07 13.14 -14.08
N ASN A 61 -4.37 13.47 -14.10
CA ASN A 61 -4.80 14.88 -14.33
C ASN A 61 -4.31 15.80 -13.19
N ALA A 62 -4.26 15.32 -11.94
CA ALA A 62 -3.75 16.06 -10.76
C ALA A 62 -2.24 16.29 -10.89
N ALA A 63 -1.48 15.25 -11.21
CA ALA A 63 0.00 15.27 -11.16
C ALA A 63 0.63 15.95 -12.37
N LYS A 64 -0.02 15.95 -13.53
CA LYS A 64 0.65 16.29 -14.80
C LYS A 64 1.25 17.70 -14.72
N PRO A 65 0.54 18.75 -14.23
CA PRO A 65 1.13 20.10 -14.12
C PRO A 65 2.38 20.18 -13.23
N ILE A 66 2.38 19.46 -12.10
CA ILE A 66 3.56 19.55 -11.21
C ILE A 66 4.72 18.74 -11.81
N VAL A 67 4.46 17.64 -12.52
CA VAL A 67 5.54 16.90 -13.22
C VAL A 67 6.10 17.71 -14.40
N ASP A 68 5.25 18.30 -15.22
CA ASP A 68 5.65 19.08 -16.42
C ASP A 68 6.40 20.35 -16.00
N ALA A 69 6.14 20.91 -14.84
CA ALA A 69 6.83 22.14 -14.37
C ALA A 69 8.31 21.81 -14.05
N LEU A 70 8.67 20.53 -13.88
CA LEU A 70 10.05 20.14 -13.53
C LEU A 70 10.97 20.18 -14.76
N SER A 71 12.24 20.54 -14.56
CA SER A 71 13.34 20.27 -15.52
C SER A 71 13.44 18.77 -15.70
N GLU A 72 14.09 18.35 -16.78
CA GLU A 72 14.42 16.93 -17.05
C GLU A 72 15.16 16.35 -15.85
N GLU A 73 16.18 17.07 -15.41
CA GLU A 73 17.09 16.68 -14.30
C GLU A 73 16.28 16.48 -13.00
N GLU A 74 15.33 17.37 -12.74
CA GLU A 74 14.48 17.28 -11.53
C GLU A 74 13.55 16.06 -11.61
N ARG A 75 12.95 15.84 -12.77
CA ARG A 75 12.03 14.68 -12.98
C ARG A 75 12.81 13.37 -12.84
N GLY A 76 14.08 13.36 -13.26
CA GLY A 76 14.90 12.15 -13.19
C GLY A 76 15.24 11.77 -11.76
N ARG A 77 15.07 12.70 -10.83
CA ARG A 77 15.31 12.39 -9.39
C ARG A 77 14.04 11.85 -8.71
N ILE A 78 12.92 11.79 -9.41
CA ILE A 78 11.72 11.11 -8.84
C ILE A 78 12.02 9.61 -8.81
N GLU A 79 12.11 9.05 -7.61
CA GLU A 79 12.53 7.65 -7.39
C GLU A 79 11.43 6.86 -6.69
N LEU A 80 10.31 7.52 -6.39
CA LEU A 80 9.18 6.95 -5.62
C LEU A 80 7.88 7.53 -6.20
N LEU A 81 6.95 6.67 -6.61
CA LEU A 81 5.57 7.12 -6.83
C LEU A 81 4.64 6.21 -6.04
N ILE A 82 3.88 6.81 -5.14
CA ILE A 82 2.88 6.04 -4.33
C ILE A 82 1.50 6.64 -4.63
N VAL A 83 0.56 5.78 -4.92
CA VAL A 83 -0.88 6.18 -4.98
C VAL A 83 -1.63 5.62 -3.77
N GLY A 84 -2.23 6.54 -3.02
CA GLY A 84 -3.13 6.28 -1.88
C GLY A 84 -4.56 6.27 -2.38
N THR A 85 -5.28 5.18 -2.19
CA THR A 85 -6.63 5.02 -2.80
C THR A 85 -7.39 3.95 -2.03
N GLU A 86 -8.70 4.01 -2.16
CA GLU A 86 -9.58 2.87 -1.87
C GLU A 86 -10.43 2.62 -3.11
N SER A 87 -9.93 3.06 -4.26
CA SER A 87 -10.56 2.91 -5.60
C SER A 87 -9.64 2.05 -6.47
N GLY A 88 -9.02 1.04 -5.87
CA GLY A 88 -8.11 0.15 -6.60
C GLY A 88 -8.85 -0.59 -7.72
N VAL A 89 -8.12 -1.21 -8.63
CA VAL A 89 -8.70 -1.81 -9.86
C VAL A 89 -8.27 -3.27 -9.95
N ASP A 90 -7.42 -3.76 -9.05
CA ASP A 90 -6.88 -5.15 -9.21
C ASP A 90 -6.39 -5.62 -7.84
N PHE A 91 -6.38 -6.93 -7.61
CA PHE A 91 -5.83 -7.55 -6.39
C PHE A 91 -4.36 -7.12 -6.22
N GLY A 92 -3.59 -7.06 -7.32
CA GLY A 92 -2.14 -6.98 -7.27
C GLY A 92 -1.63 -5.75 -7.97
N LYS A 93 -2.15 -5.48 -9.17
CA LYS A 93 -1.61 -4.38 -10.00
C LYS A 93 -1.96 -3.05 -9.32
N SER A 94 -0.94 -2.26 -8.96
CA SER A 94 -1.14 -0.93 -8.35
C SER A 94 -1.58 0.10 -9.41
N LEU A 95 -2.34 1.11 -8.95
CA LEU A 95 -2.68 2.30 -9.76
C LEU A 95 -1.37 2.94 -10.19
N ALA A 96 -0.33 2.84 -9.36
CA ALA A 96 0.91 3.58 -9.62
C ALA A 96 1.54 3.14 -10.96
N THR A 97 1.39 1.89 -11.40
CA THR A 97 1.93 1.41 -12.68
C THR A 97 1.30 2.25 -13.84
N TYR A 98 -0.04 2.25 -13.99
CA TYR A 98 -0.73 3.13 -14.98
C TYR A 98 -0.32 4.58 -14.83
N VAL A 99 -0.31 5.11 -13.60
CA VAL A 99 -0.07 6.56 -13.38
C VAL A 99 1.35 6.90 -13.89
N HIS A 100 2.33 6.09 -13.51
CA HIS A 100 3.75 6.25 -13.95
C HIS A 100 3.81 6.38 -15.49
N ASP A 101 3.15 5.46 -16.17
CA ASP A 101 3.17 5.30 -17.62
C ASP A 101 2.60 6.52 -18.35
N HIS A 102 1.82 7.38 -17.69
CA HIS A 102 1.16 8.56 -18.32
C HIS A 102 1.82 9.86 -17.86
N LEU A 103 2.92 9.79 -17.10
CA LEU A 103 3.56 11.02 -16.56
C LEU A 103 5.01 11.18 -17.04
N GLY A 104 5.52 10.26 -17.85
CA GLY A 104 6.88 10.37 -18.42
C GLY A 104 7.91 10.32 -17.32
N LEU A 105 7.70 9.47 -16.32
CA LEU A 105 8.63 9.36 -15.17
C LEU A 105 9.75 8.38 -15.50
N PRO A 106 10.96 8.49 -14.92
CA PRO A 106 12.01 7.50 -15.19
C PRO A 106 11.64 6.12 -14.63
N ARG A 107 12.26 5.07 -15.13
CA ARG A 107 11.95 3.70 -14.69
C ARG A 107 12.68 3.37 -13.39
N SER A 108 13.58 4.26 -12.99
CA SER A 108 14.39 4.14 -11.76
C SER A 108 13.57 4.69 -10.58
N CYS A 109 12.45 4.04 -10.30
N CYS A 109 12.42 4.10 -10.32
CA CYS A 109 11.33 4.51 -9.46
CA CYS A 109 11.51 4.56 -9.26
C CYS A 109 10.72 3.29 -8.76
C CYS A 109 10.68 3.38 -8.76
N ARG A 110 10.47 3.34 -7.45
CA ARG A 110 9.50 2.44 -6.77
C ARG A 110 8.07 2.90 -7.09
N LEU A 111 7.19 1.93 -7.31
CA LEU A 111 5.77 2.12 -7.71
C LEU A 111 4.94 1.19 -6.81
N PHE A 112 4.01 1.72 -6.02
CA PHE A 112 3.03 0.88 -5.31
C PHE A 112 1.85 1.74 -4.84
N GLU A 113 0.88 1.01 -4.31
CA GLU A 113 -0.36 1.64 -3.82
C GLU A 113 -0.47 1.44 -2.31
N THR A 114 -1.06 2.42 -1.63
CA THR A 114 -1.32 2.31 -0.18
C THR A 114 -2.83 2.22 0.03
N LYS A 115 -3.27 1.43 0.98
CA LYS A 115 -4.69 1.29 1.36
C LYS A 115 -4.84 1.38 2.87
N GLN A 116 -5.68 2.30 3.30
CA GLN A 116 -6.28 2.29 4.69
C GLN A 116 -7.32 3.39 4.75
N ALA A 117 -8.44 3.12 4.09
CA ALA A 117 -9.53 4.08 3.86
C ALA A 117 -8.92 5.46 3.59
N CYS A 118 -9.48 6.53 4.15
CA CYS A 118 -9.06 7.90 3.85
C CYS A 118 -7.70 8.23 4.51
N TYR A 119 -7.07 7.26 5.19
CA TYR A 119 -5.70 7.45 5.73
C TYR A 119 -4.65 7.10 4.66
N SER A 120 -5.03 6.49 3.53
CA SER A 120 -4.07 5.96 2.50
C SER A 120 -3.10 7.03 1.97
N GLY A 121 -3.58 8.25 1.70
CA GLY A 121 -2.75 9.35 1.22
C GLY A 121 -1.72 9.80 2.23
N THR A 122 -2.06 9.92 3.49
CA THR A 122 -1.14 10.35 4.57
C THR A 122 -0.09 9.26 4.81
N ALA A 123 -0.51 8.01 4.79
CA ALA A 123 0.42 6.86 4.84
C ALA A 123 1.49 7.03 3.75
N ALA A 124 1.06 7.27 2.51
CA ALA A 124 1.95 7.46 1.34
C ALA A 124 2.87 8.67 1.57
N THR A 125 2.32 9.81 2.02
CA THR A 125 3.07 11.07 2.19
C THR A 125 4.17 10.84 3.25
N GLN A 126 3.82 10.26 4.39
CA GLN A 126 4.79 10.07 5.50
C GLN A 126 5.83 9.03 5.09
N ALA A 128 6.92 8.59 2.02
CA ALA A 128 7.73 9.31 1.07
C ALA A 128 8.62 10.34 1.79
N ALA A 129 8.12 11.00 2.83
CA ALA A 129 8.94 11.99 3.58
C ALA A 129 10.11 11.27 4.27
N ALA A 130 9.87 10.09 4.80
CA ALA A 130 10.90 9.27 5.48
C ALA A 130 11.95 8.85 4.44
N VAL A 131 11.54 8.43 3.23
CA VAL A 131 12.46 8.03 2.13
C VAL A 131 13.37 9.19 1.76
N VAL A 132 12.80 10.37 1.59
CA VAL A 132 13.56 11.60 1.27
C VAL A 132 14.55 11.95 2.39
N ALA A 133 14.10 11.95 3.65
CA ALA A 133 14.96 12.29 4.81
C ALA A 133 16.04 11.21 5.00
N ALA A 134 15.75 9.94 4.78
CA ALA A 134 16.69 8.82 5.07
C ALA A 134 17.76 8.70 3.97
N SER A 135 17.53 9.27 2.80
CA SER A 135 18.41 9.11 1.64
C SER A 135 19.79 9.66 1.96
N PRO A 136 20.90 8.92 1.69
CA PRO A 136 22.24 9.49 1.82
C PRO A 136 22.51 10.54 0.74
N PHE A 137 21.67 10.68 -0.30
CA PHE A 137 21.86 11.64 -1.41
C PHE A 137 20.90 12.82 -1.21
N ASP A 138 21.34 14.06 -1.42
CA ASP A 138 20.46 15.25 -1.45
C ASP A 138 19.67 15.24 -2.77
N GLY A 139 18.47 15.80 -2.75
CA GLY A 139 17.66 16.05 -3.95
C GLY A 139 16.80 14.87 -4.35
N ALA A 140 16.60 13.87 -3.48
CA ALA A 140 15.61 12.80 -3.73
C ALA A 140 14.21 13.43 -3.84
N LYS A 141 13.40 12.94 -4.78
CA LYS A 141 12.01 13.42 -4.92
C LYS A 141 11.07 12.21 -4.97
N ALA A 142 9.89 12.39 -4.40
CA ALA A 142 8.80 11.39 -4.46
C ALA A 142 7.58 12.10 -4.99
N LEU A 143 6.78 11.36 -5.72
CA LEU A 143 5.46 11.85 -6.12
C LEU A 143 4.42 11.00 -5.39
N VAL A 144 3.57 11.65 -4.60
CA VAL A 144 2.50 10.95 -3.84
C VAL A 144 1.20 11.50 -4.38
N ILE A 145 0.28 10.61 -4.73
CA ILE A 145 -1.02 11.04 -5.29
C ILE A 145 -2.10 10.33 -4.51
N SER A 146 -2.97 11.12 -3.87
CA SER A 146 -4.18 10.61 -3.21
C SER A 146 -5.28 10.67 -4.27
N SER A 147 -5.91 9.56 -4.59
CA SER A 147 -6.95 9.58 -5.64
C SER A 147 -8.07 8.62 -5.30
N ASP A 148 -9.31 9.10 -5.38
CA ASP A 148 -10.47 8.25 -5.15
C ASP A 148 -11.64 8.71 -6.02
N VAL A 149 -12.37 7.72 -6.52
CA VAL A 149 -13.63 7.92 -7.28
C VAL A 149 -14.68 7.03 -6.62
N ALA A 150 -15.04 7.34 -5.39
CA ALA A 150 -16.04 6.57 -4.62
C ALA A 150 -17.34 6.57 -5.44
N ARG A 151 -18.03 5.45 -5.55
CA ARG A 151 -19.36 5.38 -6.21
C ARG A 151 -20.44 5.64 -5.18
N PRO A 152 -21.16 6.79 -5.22
CA PRO A 152 -22.23 7.06 -4.27
C PRO A 152 -23.37 6.04 -4.41
N VAL A 153 -23.96 5.63 -3.29
CA VAL A 153 -25.23 4.84 -3.27
C VAL A 153 -26.40 5.81 -3.16
N PRO A 154 -27.28 5.90 -4.18
CA PRO A 154 -28.47 6.74 -4.12
C PRO A 154 -29.31 6.41 -2.89
N HIS A 155 -29.90 7.43 -2.28
CA HIS A 155 -30.83 7.35 -1.13
C HIS A 155 -30.07 6.90 0.11
N THR A 156 -28.81 7.32 0.26
CA THR A 156 -28.04 7.23 1.53
C THR A 156 -27.81 8.67 1.96
N TYR A 157 -27.75 8.93 3.26
CA TYR A 157 -27.42 10.27 3.80
C TYR A 157 -25.96 10.62 3.49
N VAL A 158 -25.09 9.64 3.23
CA VAL A 158 -23.65 9.94 2.91
C VAL A 158 -23.51 10.49 1.47
N GLU A 159 -24.36 10.03 0.55
CA GLU A 159 -24.26 10.32 -0.91
C GLU A 159 -23.89 11.77 -1.16
N PRO A 160 -24.62 12.78 -0.64
CA PRO A 160 -24.36 14.18 -1.01
C PRO A 160 -23.04 14.70 -0.43
N SER A 161 -22.42 13.93 0.49
CA SER A 161 -21.09 14.28 1.06
C SER A 161 -19.97 13.67 0.18
N GLN A 162 -20.29 12.73 -0.73
CA GLN A 162 -19.25 11.99 -1.48
C GLN A 162 -18.89 12.70 -2.79
N GLY A 163 -17.62 13.06 -2.93
CA GLY A 163 -17.05 13.65 -4.16
C GLY A 163 -16.15 12.67 -4.89
N ALA A 164 -15.40 13.22 -5.83
CA ALA A 164 -14.36 12.59 -6.67
C ALA A 164 -13.21 13.58 -6.74
N GLY A 165 -12.00 13.12 -6.49
CA GLY A 165 -10.85 14.02 -6.59
C GLY A 165 -9.55 13.29 -6.36
N ALA A 166 -8.48 13.93 -6.78
CA ALA A 166 -7.10 13.50 -6.54
C ALA A 166 -6.27 14.75 -6.18
N VAL A 167 -5.27 14.53 -5.38
CA VAL A 167 -4.35 15.55 -4.88
C VAL A 167 -2.96 14.96 -5.07
N ALA A 168 -2.17 15.63 -5.89
CA ALA A 168 -0.80 15.24 -6.24
C ALA A 168 0.18 16.13 -5.51
N LEU A 170 4.50 16.59 -4.84
CA LEU A 170 5.93 16.31 -4.90
C LEU A 170 6.49 16.50 -3.49
N ILE A 171 7.16 15.49 -3.00
CA ILE A 171 7.74 15.43 -1.64
C ILE A 171 9.25 15.44 -1.82
N SER A 172 9.94 16.40 -1.22
CA SER A 172 11.39 16.60 -1.44
C SER A 172 12.01 17.33 -0.26
N ASP A 173 13.31 17.61 -0.38
CA ASP A 173 14.06 18.43 0.59
C ASP A 173 14.00 19.88 0.12
N GLN A 174 13.08 20.24 -0.79
CA GLN A 174 12.83 21.67 -1.14
C GLN A 174 11.37 22.03 -0.88
N PRO A 175 10.91 21.96 0.38
CA PRO A 175 9.46 21.95 0.69
C PRO A 175 8.76 23.32 0.71
N VAL A 176 8.69 23.95 -0.45
CA VAL A 176 8.13 25.32 -0.68
C VAL A 176 6.70 25.37 -0.13
N VAL A 177 5.91 24.33 -0.35
CA VAL A 177 4.47 24.40 -0.01
C VAL A 177 4.26 24.16 1.50
N ALA A 178 4.89 23.16 2.08
CA ALA A 178 4.71 22.85 3.50
C ALA A 178 5.93 22.07 3.94
N SER A 179 6.62 22.56 4.97
CA SER A 179 7.81 21.91 5.57
C SER A 179 7.36 21.16 6.82
N PHE A 180 7.46 19.83 6.83
CA PHE A 180 6.94 18.96 7.93
C PHE A 180 7.83 19.15 9.16
N ASP A 181 7.23 19.25 10.33
CA ASP A 181 7.96 19.23 11.62
C ASP A 181 8.41 17.81 11.85
N ARG A 182 9.71 17.63 11.83
CA ARG A 182 10.29 16.26 11.76
C ARG A 182 10.07 15.56 13.12
N GLY A 183 9.49 14.35 13.15
CA GLY A 183 9.27 13.58 14.39
C GLY A 183 8.00 13.96 15.11
N ALA A 184 7.34 15.04 14.71
CA ALA A 184 6.13 15.57 15.35
C ALA A 184 4.90 14.85 14.75
N ASN A 185 4.70 13.60 15.17
CA ASN A 185 3.68 12.70 14.60
C ASN A 185 3.05 11.94 15.75
N GLY A 186 1.74 12.09 15.95
CA GLY A 186 1.00 11.25 16.90
C GLY A 186 0.11 10.30 16.13
N PHE A 187 -0.06 9.09 16.63
CA PHE A 187 -0.85 8.03 15.93
C PHE A 187 -1.94 7.50 16.85
N HIS A 188 -3.06 7.13 16.24
CA HIS A 188 -4.12 6.38 16.96
C HIS A 188 -4.81 5.47 15.96
N SER A 189 -4.62 4.18 16.17
CA SER A 189 -5.13 3.16 15.23
C SER A 189 -5.60 1.93 15.99
N TYR A 190 -6.68 1.30 15.52
CA TYR A 190 -7.18 0.02 16.09
C TYR A 190 -8.28 -0.49 15.17
N GLU A 191 -8.58 -1.79 15.27
CA GLU A 191 -9.60 -2.38 14.41
C GLU A 191 -10.96 -1.99 14.99
N VAL A 192 -11.82 -1.46 14.17
CA VAL A 192 -13.21 -1.09 14.55
C VAL A 192 -14.07 -1.06 13.27
N ASP A 208 -23.03 5.94 12.86
CA ASP A 208 -23.15 5.26 14.18
C ASP A 208 -21.88 5.55 15.01
N LEU A 209 -21.01 4.54 15.19
CA LEU A 209 -19.67 4.74 15.81
C LEU A 209 -18.82 5.74 14.99
N SER A 210 -19.24 6.18 13.80
CA SER A 210 -18.34 6.86 12.84
C SER A 210 -17.85 8.20 13.38
N LEU A 211 -18.76 9.03 13.91
CA LEU A 211 -18.40 10.33 14.57
C LEU A 211 -17.54 10.02 15.80
N LEU A 212 -17.93 9.02 16.58
CA LEU A 212 -17.25 8.74 17.86
C LEU A 212 -15.80 8.33 17.56
N THR A 213 -15.57 7.50 16.54
CA THR A 213 -14.24 6.98 16.23
C THR A 213 -13.35 8.13 15.75
N TYR A 214 -13.88 9.01 14.92
CA TYR A 214 -13.16 10.20 14.38
C TYR A 214 -12.70 11.04 15.58
N ILE A 215 -13.62 11.32 16.51
CA ILE A 215 -13.36 12.16 17.74
C ILE A 215 -12.30 11.45 18.58
N ASP A 216 -12.48 10.17 18.84
CA ASP A 216 -11.47 9.39 19.60
C ASP A 216 -10.10 9.53 18.93
N CYS A 217 -10.02 9.36 17.60
CA CYS A 217 -8.71 9.47 16.89
C CYS A 217 -8.17 10.92 16.97
N LEU A 218 -9.03 11.94 16.81
CA LEU A 218 -8.51 13.34 16.81
C LEU A 218 -7.85 13.60 18.17
N LYS A 219 -8.57 13.29 19.25
CA LYS A 219 -8.13 13.49 20.66
C LYS A 219 -6.90 12.64 20.96
N SER A 220 -6.93 11.34 20.62
CA SER A 220 -5.84 10.41 20.99
C SER A 220 -4.61 10.61 20.10
N SER A 221 -4.77 10.88 18.79
CA SER A 221 -3.61 11.17 17.89
C SER A 221 -2.96 12.49 18.35
N PHE A 222 -3.75 13.49 18.73
CA PHE A 222 -3.15 14.76 19.22
C PHE A 222 -2.37 14.50 20.54
N THR A 223 -2.96 13.74 21.46
CA THR A 223 -2.34 13.40 22.77
C THR A 223 -1.01 12.69 22.52
N ASP A 224 -0.96 11.78 21.54
CA ASP A 224 0.29 11.08 21.14
C ASP A 224 1.31 12.08 20.57
N TYR A 225 0.84 13.00 19.73
CA TYR A 225 1.67 14.12 19.25
C TYR A 225 2.29 14.86 20.46
N ALA A 226 1.45 15.27 21.42
CA ALA A 226 1.88 16.05 22.61
C ALA A 226 2.90 15.24 23.44
N ARG A 227 2.78 13.92 23.47
CA ARG A 227 3.77 13.04 24.13
C ARG A 227 5.12 13.18 23.43
N LYS A 228 5.16 13.38 22.12
CA LYS A 228 6.47 13.42 21.42
C LYS A 228 6.98 14.85 21.29
N VAL A 229 6.13 15.86 21.44
CA VAL A 229 6.47 17.29 21.17
C VAL A 229 6.27 18.11 22.47
N GLU A 230 7.35 18.46 23.15
CA GLU A 230 7.29 19.13 24.48
C GLU A 230 6.45 20.39 24.34
N GLY A 231 5.37 20.44 25.12
CA GLY A 231 4.53 21.64 25.26
C GLY A 231 3.46 21.77 24.19
N ALA A 232 3.09 20.69 23.48
CA ALA A 232 2.07 20.80 22.40
C ALA A 232 0.71 21.19 23.00
N ASP A 233 0.05 22.18 22.44
CA ASP A 233 -1.34 22.53 22.82
C ASP A 233 -2.19 22.59 21.55
N LEU A 234 -3.42 22.06 21.56
CA LEU A 234 -4.20 21.95 20.31
C LEU A 234 -4.63 23.33 19.86
N VAL A 235 -4.68 24.33 20.76
CA VAL A 235 -4.91 25.75 20.34
C VAL A 235 -3.55 26.43 20.15
N ASP A 236 -2.67 26.44 21.14
CA ASP A 236 -1.56 27.44 21.12
C ASP A 236 -0.48 27.01 20.12
N SER A 237 -0.33 25.73 19.76
CA SER A 237 0.81 25.31 18.91
C SER A 237 0.52 25.58 17.45
N PHE A 238 -0.73 25.78 17.04
CA PHE A 238 -1.08 25.84 15.60
C PHE A 238 -1.90 27.09 15.27
N ASP A 239 -1.41 27.85 14.28
CA ASP A 239 -2.07 29.06 13.73
C ASP A 239 -3.33 28.62 12.99
N LEU A 240 -3.27 27.46 12.35
CA LEU A 240 -4.32 26.93 11.44
C LEU A 240 -4.44 25.42 11.63
N LEU A 241 -5.61 24.88 11.32
CA LEU A 241 -5.80 23.41 11.27
C LEU A 241 -6.30 23.01 9.89
N ALA A 242 -5.95 21.80 9.48
CA ALA A 242 -6.49 21.09 8.30
C ALA A 242 -6.64 19.63 8.66
N HIS A 244 -8.88 15.78 7.70
CA HIS A 244 -9.79 14.97 6.91
C HIS A 244 -11.24 15.47 7.10
N THR A 245 -11.96 15.69 6.00
CA THR A 245 -13.29 16.34 5.98
C THR A 245 -14.29 15.42 5.27
N PRO A 246 -14.88 14.46 5.98
CA PRO A 246 -15.98 13.66 5.43
C PRO A 246 -17.12 14.59 4.98
N PHE A 247 -17.36 15.62 5.76
CA PHE A 247 -18.16 16.81 5.42
C PHE A 247 -17.85 17.85 6.49
N PRO A 248 -18.01 19.15 6.18
CA PRO A 248 -17.57 20.20 7.10
C PRO A 248 -18.29 20.10 8.46
N GLY A 249 -19.55 19.67 8.46
CA GLY A 249 -20.29 19.50 9.74
C GLY A 249 -19.59 18.52 10.66
N VAL A 251 -16.28 17.80 10.73
CA VAL A 251 -15.06 18.51 11.25
C VAL A 251 -15.49 19.46 12.37
N LYS A 252 -16.55 20.26 12.14
CA LYS A 252 -17.04 21.22 13.16
C LYS A 252 -17.38 20.47 14.46
N GLY A 253 -18.19 19.41 14.35
CA GLY A 253 -18.62 18.66 15.55
C GLY A 253 -17.44 18.01 16.25
N ALA A 254 -16.42 17.59 15.51
CA ALA A 254 -15.29 16.85 16.14
C ALA A 254 -14.38 17.86 16.84
N HIS A 255 -14.15 18.98 16.17
CA HIS A 255 -13.37 20.10 16.71
C HIS A 255 -13.98 20.52 18.06
N ARG A 256 -15.30 20.68 18.10
CA ARG A 256 -16.06 21.08 19.31
C ARG A 256 -15.89 20.04 20.41
N ALA A 257 -16.11 18.75 20.12
CA ALA A 257 -16.04 17.69 21.14
C ALA A 257 -14.63 17.68 21.74
N VAL A 258 -13.61 17.82 20.90
CA VAL A 258 -12.21 17.57 21.36
C VAL A 258 -11.73 18.79 22.13
N LEU A 259 -12.04 20.00 21.70
CA LEU A 259 -11.63 21.23 22.45
C LEU A 259 -12.35 21.28 23.79
N ARG A 260 -13.61 20.87 23.83
CA ARG A 260 -14.37 20.83 25.09
C ARG A 260 -13.75 19.81 26.05
N LYS A 261 -13.39 18.63 25.55
CA LYS A 261 -12.85 17.56 26.41
C LYS A 261 -11.43 17.90 26.87
N LEU A 262 -10.61 18.42 25.98
CA LEU A 262 -9.18 18.62 26.31
C LEU A 262 -8.98 19.95 27.02
N LYS A 263 -9.72 20.98 26.67
CA LYS A 263 -9.42 22.34 27.22
C LYS A 263 -10.59 22.94 28.01
N ARG A 264 -11.79 22.38 27.95
CA ARG A 264 -12.97 22.84 28.75
C ARG A 264 -13.22 24.30 28.42
N SER A 266 -15.20 27.53 26.54
CA SER A 266 -16.60 27.91 26.46
C SER A 266 -17.13 27.61 25.07
N PRO A 267 -18.44 27.40 24.87
CA PRO A 267 -18.95 27.21 23.51
C PRO A 267 -18.55 28.34 22.55
N GLN A 268 -18.58 29.57 23.03
CA GLN A 268 -18.33 30.73 22.14
C GLN A 268 -16.86 30.74 21.74
N ALA A 269 -15.98 30.46 22.67
CA ALA A 269 -14.53 30.42 22.39
C ALA A 269 -14.25 29.30 21.38
N VAL A 270 -14.96 28.18 21.49
CA VAL A 270 -14.77 27.02 20.57
C VAL A 270 -15.29 27.44 19.18
N GLU A 271 -16.44 28.12 19.12
CA GLU A 271 -17.01 28.61 17.83
C GLU A 271 -16.01 29.58 17.16
N ASP A 272 -15.43 30.49 17.94
CA ASP A 272 -14.48 31.49 17.41
C ASP A 272 -13.25 30.77 16.88
N ASP A 273 -12.74 29.78 17.62
CA ASP A 273 -11.54 29.03 17.21
C ASP A 273 -11.84 28.28 15.90
N PHE A 274 -13.03 27.73 15.73
CA PHE A 274 -13.38 27.03 14.48
C PHE A 274 -13.31 28.07 13.34
N ALA A 275 -13.92 29.25 13.53
CA ALA A 275 -13.97 30.29 12.48
C ALA A 275 -12.52 30.68 12.14
N ALA A 276 -11.68 30.88 13.14
CA ALA A 276 -10.29 31.39 12.96
C ALA A 276 -9.42 30.30 12.30
N ARG A 277 -9.52 29.03 12.70
CA ARG A 277 -8.46 28.07 12.38
C ARG A 277 -8.95 26.98 11.42
N LEU A 278 -10.26 26.76 11.27
CA LEU A 278 -10.74 25.67 10.39
C LEU A 278 -11.59 26.16 9.22
N SER A 279 -12.13 27.39 9.23
CA SER A 279 -13.06 27.82 8.16
C SER A 279 -12.31 27.86 6.80
N ALA A 280 -11.03 28.26 6.74
CA ALA A 280 -10.28 28.27 5.48
C ALA A 280 -10.09 26.83 4.95
N ALA A 281 -9.79 25.87 5.83
CA ALA A 281 -9.55 24.44 5.50
C ALA A 281 -10.77 23.78 4.86
N VAL A 282 -11.96 24.08 5.37
CA VAL A 282 -13.18 23.36 4.91
C VAL A 282 -13.75 24.02 3.64
N GLU A 283 -13.19 25.12 3.16
CA GLU A 283 -13.75 25.84 1.99
C GLU A 283 -13.75 24.92 0.74
N TYR A 284 -12.61 24.36 0.34
CA TYR A 284 -12.58 23.54 -0.90
C TYR A 284 -13.36 22.24 -0.68
N PRO A 285 -13.22 21.58 0.48
CA PRO A 285 -14.00 20.37 0.74
C PRO A 285 -15.50 20.60 0.66
N ARG A 286 -15.99 21.76 1.12
CA ARG A 286 -17.44 22.06 1.03
C ARG A 286 -17.87 22.33 -0.43
N GLN A 287 -16.94 22.61 -1.32
CA GLN A 287 -17.23 22.76 -2.78
C GLN A 287 -17.00 21.43 -3.51
N VAL A 288 -16.39 20.42 -2.87
CA VAL A 288 -15.93 19.16 -3.57
C VAL A 288 -16.58 17.91 -2.98
N GLY A 289 -16.76 17.88 -1.65
CA GLY A 289 -17.16 16.70 -0.88
C GLY A 289 -15.96 15.84 -0.48
N ASN A 290 -16.26 14.79 0.25
CA ASN A 290 -15.23 13.79 0.66
C ASN A 290 -14.65 13.14 -0.61
N ILE A 291 -13.33 13.24 -0.80
CA ILE A 291 -12.58 12.49 -1.83
C ILE A 291 -11.69 11.44 -1.16
N TYR A 292 -11.98 11.07 0.09
CA TYR A 292 -11.31 9.98 0.84
C TYR A 292 -9.82 10.34 0.96
N ALA A 293 -8.92 9.62 0.29
CA ALA A 293 -7.45 9.73 0.52
C ALA A 293 -7.03 11.21 0.54
N GLY A 294 -7.52 11.99 -0.43
CA GLY A 294 -6.97 13.30 -0.74
C GLY A 294 -7.59 14.44 0.06
N THR A 295 -8.59 14.18 0.88
CA THR A 295 -9.43 15.24 1.48
C THR A 295 -8.60 16.11 2.40
N VAL A 296 -7.79 15.50 3.28
CA VAL A 296 -6.95 16.27 4.22
C VAL A 296 -5.97 17.15 3.41
N PHE A 297 -5.47 16.68 2.27
CA PHE A 297 -4.49 17.48 1.46
C PHE A 297 -5.24 18.60 0.74
N LEU A 298 -6.48 18.33 0.35
CA LEU A 298 -7.35 19.39 -0.23
C LEU A 298 -7.65 20.47 0.83
N ALA A 299 -7.91 20.06 2.09
CA ALA A 299 -8.09 20.94 3.26
C ALA A 299 -6.80 21.72 3.47
N LEU A 300 -5.65 21.07 3.32
CA LEU A 300 -4.36 21.80 3.49
C LEU A 300 -4.21 22.83 2.37
N ALA A 301 -4.47 22.48 1.11
CA ALA A 301 -4.40 23.43 -0.01
C ALA A 301 -5.39 24.57 0.27
N SER A 302 -6.57 24.24 0.78
CA SER A 302 -7.68 25.20 1.03
C SER A 302 -7.26 26.18 2.12
N THR A 303 -6.56 25.67 3.15
CA THR A 303 -6.04 26.45 4.28
C THR A 303 -5.07 27.49 3.72
N ILE A 304 -4.16 27.03 2.89
CA ILE A 304 -3.06 27.89 2.35
C ILE A 304 -3.68 28.94 1.42
N ASP A 305 -4.66 28.55 0.61
CA ASP A 305 -5.27 29.44 -0.41
C ASP A 305 -6.24 30.43 0.24
N ASN A 306 -6.96 30.05 1.30
CA ASN A 306 -8.13 30.81 1.78
C ASN A 306 -7.79 31.54 3.08
N ALA A 307 -6.63 31.33 3.68
CA ALA A 307 -6.20 32.13 4.85
C ALA A 307 -5.14 33.16 4.40
N VAL A 308 -4.91 34.18 5.21
CA VAL A 308 -3.83 35.18 4.97
C VAL A 308 -2.54 34.59 5.54
N ILE A 309 -1.57 34.21 4.71
CA ILE A 309 -0.26 33.71 5.23
C ILE A 309 0.72 34.88 5.12
N ASP A 310 0.94 35.61 6.21
CA ASP A 310 1.66 36.91 6.22
C ASP A 310 3.11 36.67 6.61
N ARG A 311 3.43 35.48 7.10
CA ARG A 311 4.78 35.06 7.56
C ARG A 311 4.72 33.55 7.75
N GLU A 312 5.73 32.96 8.39
CA GLU A 312 5.74 31.53 8.79
C GLU A 312 4.54 31.30 9.71
N ARG A 313 3.73 30.30 9.39
CA ARG A 313 2.59 29.88 10.23
C ARG A 313 2.65 28.36 10.32
N ARG A 314 2.26 27.80 11.45
CA ARG A 314 2.22 26.31 11.63
C ARG A 314 0.77 25.82 11.50
N VAL A 315 0.60 24.77 10.71
CA VAL A 315 -0.70 24.06 10.53
C VAL A 315 -0.64 22.73 11.29
N GLY A 316 -1.63 22.48 12.16
CA GLY A 316 -1.84 21.15 12.74
C GLY A 316 -2.69 20.36 11.77
N ILE A 317 -2.28 19.13 11.44
CA ILE A 317 -2.94 18.31 10.40
C ILE A 317 -3.45 17.04 11.06
N PHE A 318 -4.73 16.75 10.84
CA PHE A 318 -5.31 15.48 11.34
C PHE A 318 -5.82 14.67 10.14
N SER A 319 -5.25 13.50 10.02
CA SER A 319 -5.58 12.50 9.00
C SER A 319 -6.22 11.28 9.68
N TYR A 320 -7.26 10.78 9.05
CA TYR A 320 -8.09 9.68 9.53
C TYR A 320 -8.46 8.79 8.36
N GLY A 321 -8.57 7.50 8.65
CA GLY A 321 -9.28 6.54 7.80
C GLY A 321 -10.08 5.59 8.67
N SER A 322 -11.35 5.39 8.34
CA SER A 322 -12.22 4.51 9.15
C SER A 322 -11.60 3.11 9.14
N GLY A 323 -11.80 2.36 10.20
CA GLY A 323 -11.44 0.94 10.21
C GLY A 323 -10.44 0.49 11.26
N CYS A 324 -9.55 1.30 11.89
CA CYS A 324 -9.24 2.70 11.63
C CYS A 324 -7.73 2.90 11.74
N SER A 325 -7.26 4.01 11.18
CA SER A 325 -5.88 4.50 11.50
C SER A 325 -5.91 6.03 11.41
N SER A 326 -5.10 6.71 12.23
CA SER A 326 -5.13 8.20 12.30
C SER A 326 -3.77 8.71 12.71
N GLU A 327 -3.49 9.94 12.33
CA GLU A 327 -2.19 10.60 12.58
C GLU A 327 -2.49 12.09 12.75
N PHE A 328 -1.81 12.69 13.70
CA PHE A 328 -1.77 14.15 13.90
C PHE A 328 -0.31 14.55 13.70
N TYR A 329 -0.10 15.49 12.82
CA TYR A 329 1.25 15.97 12.47
C TYR A 329 1.15 17.48 12.23
N SER A 330 2.26 18.11 11.86
CA SER A 330 2.25 19.58 11.67
C SER A 330 3.26 19.98 10.61
N ALA A 331 3.05 21.15 10.01
CA ALA A 331 3.93 21.68 8.97
C ALA A 331 3.93 23.21 9.04
N VAL A 332 4.98 23.77 8.51
CA VAL A 332 5.09 25.25 8.41
C VAL A 332 4.84 25.66 6.96
N VAL A 333 4.06 26.71 6.81
CA VAL A 333 3.71 27.35 5.52
C VAL A 333 4.14 28.81 5.60
N THR A 334 4.43 29.39 4.44
CA THR A 334 4.97 30.76 4.31
C THR A 334 4.23 31.48 3.20
N PRO A 335 4.45 32.80 3.04
CA PRO A 335 3.98 33.51 1.87
C PRO A 335 4.37 32.85 0.56
N GLU A 336 5.55 32.23 0.48
CA GLU A 336 5.97 31.49 -0.74
C GLU A 336 5.04 30.28 -0.92
N SER A 337 4.59 29.63 0.17
CA SER A 337 3.56 28.54 0.11
C SER A 337 2.33 29.08 -0.62
N GLN A 338 1.79 30.20 -0.15
CA GLN A 338 0.54 30.83 -0.65
C GLN A 338 0.70 31.14 -2.14
N ARG A 339 1.84 31.72 -2.53
CA ARG A 339 2.12 32.08 -3.95
C ARG A 339 2.16 30.81 -4.80
N ALA A 340 2.77 29.72 -4.30
CA ALA A 340 2.94 28.47 -5.08
C ALA A 340 1.58 27.79 -5.29
N VAL A 341 0.74 27.79 -4.25
CA VAL A 341 -0.60 27.19 -4.31
C VAL A 341 -1.53 28.09 -5.16
N ARG A 342 -1.51 29.41 -4.96
CA ARG A 342 -2.33 30.32 -5.79
C ARG A 342 -2.02 30.12 -7.28
N ALA A 343 -0.76 29.89 -7.66
CA ALA A 343 -0.41 29.73 -9.08
C ALA A 343 -1.04 28.46 -9.66
N GLY A 345 -4.27 27.74 -9.34
CA GLY A 345 -5.60 28.13 -9.80
C GLY A 345 -6.71 27.14 -9.42
N ILE A 346 -6.71 26.65 -8.18
CA ILE A 346 -7.68 25.61 -7.73
C ILE A 346 -9.09 26.20 -7.74
N ARG A 347 -9.26 27.41 -7.23
CA ARG A 347 -10.61 28.03 -7.09
C ARG A 347 -11.24 28.17 -8.49
N GLN A 348 -10.44 28.61 -9.46
CA GLN A 348 -10.89 28.80 -10.87
C GLN A 348 -11.29 27.45 -11.46
N ALA A 349 -10.48 26.41 -11.27
CA ALA A 349 -10.79 25.04 -11.72
C ALA A 349 -12.14 24.60 -11.12
N LEU A 350 -12.38 24.83 -9.83
CA LEU A 350 -13.64 24.38 -9.18
C LEU A 350 -14.81 25.16 -9.79
N ASP A 351 -14.62 26.44 -10.04
CA ASP A 351 -15.70 27.34 -10.50
C ASP A 351 -16.00 27.09 -11.98
N ASP A 352 -15.08 26.47 -12.73
CA ASP A 352 -15.28 26.12 -14.15
C ASP A 352 -16.01 24.80 -14.29
N ARG A 353 -16.35 24.09 -13.20
CA ARG A 353 -16.97 22.76 -13.34
C ARG A 353 -18.37 22.90 -13.94
N TYR A 354 -18.79 21.92 -14.71
CA TYR A 354 -20.11 21.92 -15.35
C TYR A 354 -21.12 21.52 -14.28
N GLU A 355 -22.21 22.30 -14.14
CA GLU A 355 -23.27 22.01 -13.15
C GLU A 355 -24.19 20.95 -13.71
N LEU A 356 -24.27 19.79 -13.04
CA LEU A 356 -25.18 18.69 -13.41
C LEU A 356 -26.55 19.03 -12.83
N SER A 357 -27.62 18.70 -13.53
CA SER A 357 -28.95 18.59 -12.91
C SER A 357 -28.93 17.26 -12.16
N VAL A 358 -29.90 17.01 -11.30
CA VAL A 358 -30.01 15.73 -10.58
C VAL A 358 -30.23 14.62 -11.58
N PRO A 359 -31.13 14.76 -12.59
CA PRO A 359 -31.23 13.74 -13.64
C PRO A 359 -29.90 13.45 -14.36
N GLU A 360 -29.12 14.47 -14.69
CA GLU A 360 -27.82 14.20 -15.39
C GLU A 360 -26.90 13.40 -14.44
N TYR A 361 -26.92 13.75 -13.17
CA TYR A 361 -26.09 13.09 -12.12
C TYR A 361 -26.50 11.63 -12.07
N ASP A 362 -27.80 11.34 -12.10
CA ASP A 362 -28.34 9.96 -11.98
C ASP A 362 -27.89 9.16 -13.21
N GLU A 363 -27.93 9.76 -14.40
CA GLU A 363 -27.49 9.01 -15.60
C GLU A 363 -25.98 8.74 -15.49
N LEU A 364 -25.17 9.68 -14.99
CA LEU A 364 -23.72 9.42 -14.82
C LEU A 364 -23.50 8.28 -13.81
N LEU A 365 -24.24 8.26 -12.70
CA LEU A 365 -24.08 7.18 -11.70
C LEU A 365 -24.37 5.86 -12.40
N THR A 366 -25.43 5.82 -13.18
CA THR A 366 -25.86 4.58 -13.85
C THR A 366 -24.78 4.13 -14.81
N ALA A 367 -24.26 5.04 -15.62
CA ALA A 367 -23.26 4.66 -16.63
C ALA A 367 -22.00 4.17 -15.91
N THR A 368 -21.61 4.81 -14.83
CA THR A 368 -20.33 4.53 -14.11
C THR A 368 -20.35 3.10 -13.56
N ALA A 369 -21.51 2.69 -13.00
CA ALA A 369 -21.68 1.39 -12.33
C ALA A 369 -21.54 0.23 -13.33
N GLU A 370 -21.66 0.45 -14.64
CA GLU A 370 -21.54 -0.62 -15.67
C GLU A 370 -20.17 -1.32 -15.66
N LEU A 371 -19.11 -0.59 -15.38
CA LEU A 371 -17.77 -1.18 -15.25
C LEU A 371 -17.58 -1.70 -13.81
N LYS A 372 -17.39 -3.00 -13.67
CA LYS A 372 -17.26 -3.66 -12.35
C LYS A 372 -15.83 -4.04 -12.05
N PHE A 373 -15.51 -4.15 -10.77
CA PHE A 373 -14.21 -4.67 -10.33
C PHE A 373 -14.04 -6.05 -10.94
N GLY A 374 -12.91 -6.31 -11.59
CA GLY A 374 -12.59 -7.67 -12.09
C GLY A 374 -13.09 -7.90 -13.50
N ALA A 375 -13.74 -6.91 -14.12
CA ALA A 375 -14.10 -6.97 -15.55
C ALA A 375 -12.85 -7.21 -16.41
N ARG A 376 -12.96 -8.18 -17.30
CA ARG A 376 -11.88 -8.54 -18.24
C ARG A 376 -11.88 -7.62 -19.46
N ASP A 377 -13.06 -7.32 -19.99
CA ASP A 377 -13.23 -6.59 -21.27
C ASP A 377 -14.38 -5.59 -21.11
N PHE A 378 -14.18 -4.35 -21.51
CA PHE A 378 -15.20 -3.27 -21.34
C PHE A 378 -14.75 -2.12 -22.20
N THR A 379 -15.66 -1.55 -22.98
CA THR A 379 -15.35 -0.42 -23.89
C THR A 379 -16.26 0.74 -23.53
N PHE A 380 -15.70 1.91 -23.25
CA PHE A 380 -16.51 3.11 -22.95
C PHE A 380 -16.94 3.73 -24.28
N ASP A 381 -18.12 4.33 -24.22
CA ASP A 381 -18.58 5.34 -25.21
C ASP A 381 -18.17 6.69 -24.62
N LEU A 382 -17.07 7.27 -25.10
CA LEU A 382 -16.52 8.57 -24.61
C LEU A 382 -17.47 9.73 -24.93
N ASP A 383 -18.41 9.53 -25.86
CA ASP A 383 -19.41 10.56 -26.30
C ASP A 383 -20.80 10.26 -25.71
N ARG A 384 -20.90 9.50 -24.61
CA ARG A 384 -22.22 9.10 -24.08
C ARG A 384 -22.91 10.32 -23.48
N PHE A 385 -22.15 11.31 -23.02
CA PHE A 385 -22.65 12.53 -22.33
C PHE A 385 -22.11 13.73 -23.07
N PRO A 386 -22.58 13.99 -24.31
CA PRO A 386 -21.96 15.00 -25.17
C PRO A 386 -22.10 16.42 -24.64
N GLN A 387 -23.10 16.67 -23.80
CA GLN A 387 -23.27 17.96 -23.06
C GLN A 387 -22.02 18.25 -22.22
N ILE A 388 -21.48 17.23 -21.57
CA ILE A 388 -20.33 17.44 -20.64
C ILE A 388 -19.05 17.54 -21.47
N THR A 389 -18.85 16.67 -22.46
CA THR A 389 -17.60 16.64 -23.26
C THR A 389 -17.59 17.79 -24.29
N LYS A 390 -18.71 18.46 -24.59
CA LYS A 390 -18.73 19.70 -25.40
C LYS A 390 -18.12 20.87 -24.59
N ALA A 391 -18.51 21.03 -23.34
CA ALA A 391 -18.16 22.17 -22.47
C ALA A 391 -16.81 21.97 -21.78
N ARG A 392 -16.50 20.73 -21.39
CA ARG A 392 -15.32 20.39 -20.57
C ARG A 392 -14.51 19.32 -21.31
N PHE A 393 -13.44 18.77 -20.72
CA PHE A 393 -12.62 17.65 -21.27
C PHE A 393 -12.06 18.01 -22.65
N GLY A 394 -11.58 19.26 -22.82
CA GLY A 394 -11.07 19.76 -24.10
C GLY A 394 -12.08 20.60 -24.86
N GLY A 395 -13.38 20.38 -24.62
CA GLY A 395 -14.44 21.30 -25.04
C GLY A 395 -14.11 22.76 -24.75
N GLY A 396 -14.34 23.65 -25.73
CA GLY A 396 -14.28 25.11 -25.60
C GLY A 396 -12.97 25.59 -25.01
N THR A 397 -13.05 26.28 -23.88
CA THR A 397 -11.89 26.92 -23.20
C THR A 397 -11.08 25.88 -22.39
N SER A 398 -11.59 24.65 -22.21
CA SER A 398 -11.19 23.70 -21.12
C SER A 398 -9.89 22.91 -21.44
N ARG A 399 -9.16 22.54 -20.40
CA ARG A 399 -7.93 21.74 -20.45
C ARG A 399 -8.23 20.34 -20.99
N PRO A 400 -7.33 19.73 -21.78
CA PRO A 400 -7.48 18.32 -22.11
C PRO A 400 -7.36 17.44 -20.85
N ARG A 401 -8.03 16.27 -20.85
CA ARG A 401 -8.05 15.39 -19.66
C ARG A 401 -7.80 13.94 -20.08
N LEU A 402 -6.99 13.20 -19.33
CA LEU A 402 -6.94 11.73 -19.47
C LEU A 402 -8.25 11.13 -18.98
N VAL A 403 -8.80 10.16 -19.72
CA VAL A 403 -9.98 9.38 -19.27
C VAL A 403 -9.68 7.93 -19.59
N LEU A 404 -10.42 7.03 -18.99
CA LEU A 404 -10.41 5.59 -19.25
C LEU A 404 -11.26 5.35 -20.48
N GLU A 405 -10.74 4.59 -21.43
CA GLU A 405 -11.43 4.28 -22.70
C GLU A 405 -11.84 2.81 -22.70
N ALA A 406 -11.02 1.90 -22.20
CA ALA A 406 -11.36 0.46 -22.27
C ALA A 406 -10.56 -0.37 -21.29
N VAL A 407 -11.08 -1.54 -21.03
CA VAL A 407 -10.34 -2.65 -20.37
C VAL A 407 -10.30 -3.74 -21.42
N ARG A 408 -9.10 -4.19 -21.79
CA ARG A 408 -8.88 -5.24 -22.81
C ARG A 408 -8.05 -6.34 -22.14
N ASN A 409 -8.64 -7.51 -21.90
CA ASN A 409 -7.97 -8.62 -21.20
C ASN A 409 -7.32 -8.09 -19.91
N TYR A 410 -8.11 -7.40 -19.10
CA TYR A 410 -7.75 -6.85 -17.75
C TYR A 410 -6.89 -5.59 -17.87
N HIS A 411 -6.38 -5.25 -19.04
CA HIS A 411 -5.43 -4.13 -19.20
C HIS A 411 -6.22 -2.84 -19.46
N ARG A 412 -6.01 -1.82 -18.63
CA ARG A 412 -6.72 -0.52 -18.75
C ARG A 412 -5.99 0.35 -19.79
N GLU A 413 -6.80 1.01 -20.62
CA GLU A 413 -6.30 1.84 -21.75
C GLU A 413 -7.00 3.20 -21.62
N TYR A 414 -6.18 4.24 -21.60
CA TYR A 414 -6.56 5.65 -21.40
C TYR A 414 -6.38 6.41 -22.73
N VAL A 415 -7.20 7.43 -22.92
CA VAL A 415 -7.06 8.41 -24.03
C VAL A 415 -7.06 9.83 -23.49
N TRP A 416 -6.35 10.74 -24.15
CA TRP A 416 -6.39 12.20 -23.86
C TRP A 416 -7.62 12.79 -24.56
N LEU A 417 -8.66 13.18 -23.81
CA LEU A 417 -9.85 13.88 -24.40
C LEU A 417 -9.48 15.35 -24.56
N GLY A 418 -9.83 15.92 -25.71
CA GLY A 418 -9.45 17.30 -26.08
C GLY A 418 -8.07 17.38 -26.72
N ASP A 419 -7.53 16.26 -27.20
CA ASP A 419 -6.24 16.23 -27.96
C ASP A 419 -6.49 16.83 -29.37
N GLY A 420 -7.73 16.86 -29.83
CA GLY A 420 -8.10 17.57 -31.07
C GLY A 420 -7.63 16.84 -32.31
N PRO B 7 22.20 2.37 11.43
CA PRO B 7 22.17 0.92 11.19
C PRO B 7 20.72 0.41 11.26
N VAL B 8 20.14 0.00 10.13
CA VAL B 8 18.70 -0.37 10.10
C VAL B 8 18.51 -1.70 9.35
N GLY B 9 17.51 -2.47 9.76
CA GLY B 9 17.20 -3.71 9.04
C GLY B 9 16.26 -4.62 9.79
N ILE B 10 16.36 -5.91 9.54
CA ILE B 10 15.44 -6.92 10.12
C ILE B 10 16.05 -7.36 11.44
N GLU B 11 15.34 -7.10 12.53
CA GLU B 11 15.68 -7.52 13.91
C GLU B 11 15.27 -8.97 14.11
N ALA B 12 14.10 -9.34 13.60
CA ALA B 12 13.57 -10.70 13.73
C ALA B 12 12.71 -11.05 12.52
N ILE B 13 12.69 -12.33 12.21
CA ILE B 13 11.95 -12.82 11.03
C ILE B 13 11.34 -14.15 11.44
N ASN B 14 10.17 -14.41 10.90
CA ASN B 14 9.52 -15.72 11.02
C ASN B 14 8.59 -15.91 9.83
N VAL B 15 8.23 -17.16 9.57
CA VAL B 15 7.35 -17.52 8.44
C VAL B 15 6.20 -18.34 8.99
N TYR B 16 5.05 -18.26 8.33
CA TYR B 16 3.99 -19.29 8.49
C TYR B 16 3.56 -19.67 7.08
N CYS B 17 3.83 -20.94 6.75
CA CYS B 17 3.59 -21.47 5.40
C CYS B 17 2.50 -22.54 5.46
N GLY B 18 1.55 -22.35 6.35
CA GLY B 18 0.36 -23.21 6.49
C GLY B 18 0.68 -24.51 7.17
N GLU B 19 -0.31 -25.38 7.23
CA GLU B 19 -0.22 -26.64 8.02
C GLU B 19 -0.41 -27.85 7.08
N THR B 20 -0.57 -27.62 5.79
CA THR B 20 -0.78 -28.66 4.76
C THR B 20 0.07 -28.39 3.53
N TYR B 21 0.32 -29.46 2.78
CA TYR B 21 1.04 -29.37 1.50
C TYR B 21 0.49 -30.42 0.54
N VAL B 22 0.69 -30.17 -0.75
CA VAL B 22 0.46 -31.18 -1.83
C VAL B 22 1.76 -31.29 -2.62
N ASP B 23 2.10 -32.54 -2.93
CA ASP B 23 3.33 -32.89 -3.68
C ASP B 23 3.10 -32.41 -5.12
N VAL B 24 4.06 -31.69 -5.68
CA VAL B 24 3.93 -31.07 -7.05
C VAL B 24 3.91 -32.13 -8.17
N PRO B 25 4.86 -33.09 -8.22
CA PRO B 25 4.76 -34.20 -9.16
C PRO B 25 3.43 -34.98 -9.07
N THR B 26 2.96 -35.31 -7.86
CA THR B 26 1.64 -35.98 -7.66
C THR B 26 0.53 -35.13 -8.29
N LEU B 27 0.60 -33.81 -8.16
CA LEU B 27 -0.49 -32.91 -8.65
C LEU B 27 -0.43 -32.84 -10.18
N PHE B 28 0.77 -32.66 -10.74
CA PHE B 28 0.97 -32.68 -12.22
C PHE B 28 0.29 -33.93 -12.79
N ALA B 29 0.51 -35.08 -12.17
CA ALA B 29 0.00 -36.38 -12.66
C ALA B 29 -1.53 -36.38 -12.55
N ALA B 30 -2.09 -35.95 -11.42
CA ALA B 30 -3.56 -35.93 -11.25
C ALA B 30 -4.19 -34.93 -12.22
N ARG B 31 -3.50 -33.85 -12.56
CA ARG B 31 -4.03 -32.78 -13.46
C ARG B 31 -3.80 -33.15 -14.92
N GLN B 32 -3.11 -34.26 -15.17
CA GLN B 32 -2.66 -34.69 -16.52
C GLN B 32 -1.99 -33.52 -17.25
N LEU B 33 -1.16 -32.75 -16.54
CA LEU B 33 -0.27 -31.75 -17.16
C LEU B 33 0.93 -32.50 -17.76
N ASP B 34 1.54 -31.95 -18.80
CA ASP B 34 2.77 -32.51 -19.46
C ASP B 34 3.86 -32.74 -18.39
N ASP B 35 4.21 -34.00 -18.10
CA ASP B 35 5.17 -34.39 -17.01
C ASP B 35 6.60 -33.86 -17.28
N SER B 36 6.90 -33.37 -18.51
CA SER B 36 8.21 -32.79 -18.92
C SER B 36 8.58 -31.57 -18.08
N ARG B 37 7.61 -30.69 -17.81
CA ARG B 37 7.84 -29.30 -17.34
C ARG B 37 8.08 -29.28 -15.81
N ILE B 38 7.98 -30.42 -15.12
CA ILE B 38 8.36 -30.55 -13.67
C ILE B 38 9.83 -30.15 -13.50
N ASP B 39 10.71 -30.56 -14.43
CA ASP B 39 12.15 -30.19 -14.39
C ASP B 39 12.29 -28.69 -14.65
N ASN B 40 11.41 -28.08 -15.44
CA ASN B 40 11.40 -26.60 -15.69
C ASN B 40 10.89 -25.85 -14.45
N LEU B 41 9.90 -26.36 -13.72
CA LEU B 41 9.47 -25.65 -12.49
C LEU B 41 10.53 -25.76 -11.39
N ALA B 44 9.12 -28.93 -5.59
CA ALA B 44 8.92 -30.22 -4.91
C ALA B 44 7.52 -30.30 -4.32
N ARG B 45 7.10 -29.30 -3.55
CA ARG B 45 5.77 -29.36 -2.90
C ARG B 45 5.29 -27.93 -2.65
N LYS B 46 3.99 -27.75 -2.51
CA LYS B 46 3.41 -26.41 -2.29
C LYS B 46 2.51 -26.39 -1.05
N SER B 47 2.63 -25.30 -0.29
CA SER B 47 1.78 -25.05 0.89
C SER B 47 0.36 -24.85 0.37
N VAL B 48 -0.59 -25.37 1.12
CA VAL B 48 -2.04 -25.17 0.83
C VAL B 48 -2.70 -24.64 2.08
N ALA B 49 -3.46 -23.56 1.92
CA ALA B 49 -4.27 -22.95 2.98
C ALA B 49 -5.45 -23.88 3.27
N LEU B 50 -5.82 -24.04 4.52
CA LEU B 50 -7.16 -24.57 4.85
C LEU B 50 -8.23 -23.60 4.32
N HIS B 51 -9.46 -24.08 4.21
CA HIS B 51 -10.60 -23.27 3.71
C HIS B 51 -10.78 -22.06 4.61
N CYS B 52 -10.51 -22.20 5.91
CA CYS B 52 -10.82 -21.19 6.95
C CYS B 52 -9.58 -20.38 7.30
N GLU B 53 -8.72 -20.14 6.32
CA GLU B 53 -7.48 -19.33 6.52
C GLU B 53 -7.48 -18.22 5.51
N ASP B 54 -6.99 -17.04 5.86
CA ASP B 54 -6.88 -15.94 4.88
C ASP B 54 -5.55 -15.24 5.13
N ALA B 55 -5.33 -14.12 4.47
CA ALA B 55 -4.04 -13.41 4.59
C ALA B 55 -3.86 -12.81 6.01
N VAL B 56 -4.94 -12.38 6.67
CA VAL B 56 -4.91 -11.92 8.09
C VAL B 56 -4.41 -13.04 9.00
N SER B 57 -5.04 -14.21 8.91
CA SER B 57 -4.78 -15.31 9.85
C SER B 57 -3.36 -15.83 9.61
N PHE B 58 -2.97 -15.93 8.34
CA PHE B 58 -1.56 -16.23 7.96
C PHE B 58 -0.61 -15.21 8.58
N ALA B 59 -0.88 -13.92 8.39
CA ALA B 59 0.02 -12.88 8.96
C ALA B 59 0.13 -12.99 10.49
N VAL B 60 -0.96 -13.30 11.19
CA VAL B 60 -0.95 -13.33 12.69
C VAL B 60 -0.11 -14.53 13.09
N ASN B 61 -0.33 -15.66 12.43
CA ASN B 61 0.42 -16.90 12.74
C ASN B 61 1.94 -16.64 12.51
N ALA B 62 2.32 -15.86 11.50
CA ALA B 62 3.75 -15.58 11.20
C ALA B 62 4.35 -14.66 12.28
N ALA B 63 3.63 -13.61 12.65
CA ALA B 63 4.19 -12.51 13.48
C ALA B 63 4.14 -12.85 14.96
N LYS B 64 3.24 -13.75 15.37
CA LYS B 64 2.94 -13.88 16.81
C LYS B 64 4.22 -14.21 17.60
N PRO B 65 5.09 -15.16 17.17
CA PRO B 65 6.27 -15.53 17.97
C PRO B 65 7.26 -14.35 18.11
N ILE B 66 7.31 -13.44 17.12
CA ILE B 66 8.37 -12.39 17.16
C ILE B 66 7.80 -11.26 18.03
N VAL B 67 6.49 -11.05 18.03
CA VAL B 67 5.85 -10.08 18.95
C VAL B 67 5.94 -10.60 20.40
N ASP B 68 5.64 -11.87 20.64
CA ASP B 68 5.61 -12.45 22.00
C ASP B 68 7.01 -12.44 22.64
N ALA B 69 8.07 -12.48 21.86
CA ALA B 69 9.46 -12.52 22.37
C ALA B 69 9.86 -11.14 22.87
N LEU B 70 9.13 -10.08 22.49
CA LEU B 70 9.51 -8.69 22.90
C LEU B 70 9.11 -8.44 24.36
N SER B 71 9.84 -7.60 25.10
CA SER B 71 9.33 -7.06 26.39
C SER B 71 8.13 -6.17 26.09
N GLU B 72 7.36 -5.89 27.13
CA GLU B 72 6.22 -4.95 27.01
C GLU B 72 6.74 -3.59 26.50
N GLU B 73 7.91 -3.15 26.96
CA GLU B 73 8.51 -1.87 26.56
C GLU B 73 8.92 -1.89 25.06
N GLU B 74 9.50 -2.98 24.59
CA GLU B 74 9.91 -3.12 23.17
C GLU B 74 8.67 -3.12 22.27
N ARG B 75 7.64 -3.82 22.68
CA ARG B 75 6.38 -3.92 21.94
C ARG B 75 5.73 -2.53 21.91
N GLY B 76 5.87 -1.77 23.01
CA GLY B 76 5.39 -0.38 23.10
C GLY B 76 6.01 0.52 22.03
N ARG B 77 7.18 0.17 21.49
CA ARG B 77 7.90 1.04 20.53
C ARG B 77 7.54 0.65 19.09
N ILE B 78 6.64 -0.31 18.90
CA ILE B 78 6.16 -0.64 17.53
C ILE B 78 5.23 0.51 17.15
N GLU B 79 5.62 1.30 16.16
CA GLU B 79 4.87 2.52 15.78
C GLU B 79 4.34 2.42 14.36
N LEU B 80 4.56 1.28 13.70
CA LEU B 80 4.21 1.05 12.28
C LEU B 80 3.92 -0.43 12.07
N LEU B 81 2.77 -0.74 11.54
CA LEU B 81 2.44 -2.09 11.02
C LEU B 81 1.96 -1.95 9.59
N ILE B 82 2.65 -2.61 8.66
CA ILE B 82 2.29 -2.59 7.21
C ILE B 82 2.10 -4.04 6.81
N VAL B 83 0.98 -4.33 6.20
CA VAL B 83 0.78 -5.65 5.56
C VAL B 83 0.93 -5.48 4.05
N GLY B 84 1.83 -6.24 3.47
CA GLY B 84 1.99 -6.26 1.99
C GLY B 84 1.27 -7.47 1.46
N THR B 85 0.33 -7.29 0.53
CA THR B 85 -0.53 -8.41 0.11
C THR B 85 -1.15 -8.08 -1.27
N GLU B 86 -1.59 -9.14 -1.93
CA GLU B 86 -2.51 -9.02 -3.09
C GLU B 86 -3.75 -9.87 -2.78
N SER B 87 -3.95 -10.12 -1.49
CA SER B 87 -5.08 -10.91 -0.95
C SER B 87 -5.92 -10.02 -0.05
N GLY B 88 -6.15 -8.77 -0.47
CA GLY B 88 -6.96 -7.81 0.29
C GLY B 88 -8.39 -8.32 0.41
N VAL B 89 -9.14 -7.88 1.42
CA VAL B 89 -10.54 -8.33 1.67
C VAL B 89 -11.51 -7.17 1.43
N ASP B 90 -11.04 -5.93 1.30
CA ASP B 90 -11.91 -4.75 1.29
C ASP B 90 -11.25 -3.68 0.42
N PHE B 91 -12.04 -2.85 -0.25
CA PHE B 91 -11.53 -1.69 -1.00
C PHE B 91 -10.77 -0.73 -0.08
N GLY B 92 -11.23 -0.58 1.17
CA GLY B 92 -10.75 0.46 2.10
C GLY B 92 -10.00 -0.12 3.27
N LYS B 93 -10.61 -1.07 3.94
CA LYS B 93 -10.11 -1.57 5.23
C LYS B 93 -8.88 -2.42 4.95
N SER B 94 -7.73 -2.02 5.48
CA SER B 94 -6.43 -2.73 5.37
C SER B 94 -6.45 -3.99 6.23
N LEU B 95 -5.74 -5.04 5.80
CA LEU B 95 -5.52 -6.25 6.64
C LEU B 95 -4.81 -5.85 7.94
N ALA B 96 -4.05 -4.75 7.94
CA ALA B 96 -3.24 -4.33 9.09
C ALA B 96 -4.14 -4.06 10.30
N THR B 97 -5.40 -3.63 10.11
CA THR B 97 -6.35 -3.38 11.23
C THR B 97 -6.58 -4.71 11.93
N TYR B 98 -7.02 -5.73 11.20
CA TYR B 98 -7.28 -7.05 11.84
C TYR B 98 -6.00 -7.58 12.49
N VAL B 99 -4.89 -7.45 11.76
CA VAL B 99 -3.61 -8.06 12.24
C VAL B 99 -3.21 -7.36 13.54
N HIS B 100 -3.30 -6.03 13.59
CA HIS B 100 -3.03 -5.23 14.82
C HIS B 100 -3.80 -5.73 16.06
N ASP B 101 -5.08 -5.97 15.87
CA ASP B 101 -6.03 -6.35 16.90
C ASP B 101 -5.66 -7.73 17.46
N HIS B 102 -4.99 -8.59 16.70
CA HIS B 102 -4.72 -9.96 17.19
C HIS B 102 -3.30 -10.10 17.70
N LEU B 103 -2.48 -9.03 17.70
CA LEU B 103 -1.07 -9.14 18.14
C LEU B 103 -0.81 -8.33 19.41
N GLY B 104 -1.84 -7.72 20.00
CA GLY B 104 -1.73 -6.90 21.22
C GLY B 104 -0.81 -5.70 21.02
N LEU B 105 -0.84 -5.05 19.87
CA LEU B 105 0.08 -3.93 19.54
C LEU B 105 -0.49 -2.65 20.18
N PRO B 106 0.34 -1.65 20.52
CA PRO B 106 -0.17 -0.40 21.06
C PRO B 106 -0.92 0.33 19.94
N ARG B 107 -1.85 1.17 20.33
CA ARG B 107 -2.70 1.98 19.43
C ARG B 107 -1.91 3.15 18.86
N SER B 108 -0.74 3.45 19.44
CA SER B 108 0.20 4.50 18.95
C SER B 108 1.03 3.94 17.77
N CYS B 109 0.35 3.58 16.70
CA CYS B 109 0.87 2.79 15.55
C CYS B 109 0.18 3.33 14.28
N ARG B 110 0.90 3.55 13.20
CA ARG B 110 0.34 3.65 11.81
C ARG B 110 0.01 2.25 11.28
N LEU B 111 -1.15 2.11 10.65
CA LEU B 111 -1.65 0.83 10.11
C LEU B 111 -2.02 1.09 8.66
N PHE B 112 -1.51 0.27 7.74
CA PHE B 112 -1.97 0.27 6.32
C PHE B 112 -1.42 -0.94 5.57
N GLU B 113 -1.93 -1.10 4.36
CA GLU B 113 -1.61 -2.20 3.43
C GLU B 113 -0.82 -1.63 2.26
N THR B 114 0.16 -2.38 1.76
CA THR B 114 0.84 -2.07 0.48
C THR B 114 0.40 -3.06 -0.60
N LYS B 115 0.27 -2.56 -1.82
CA LYS B 115 -0.10 -3.36 -3.03
C LYS B 115 0.80 -2.99 -4.20
N GLN B 116 1.48 -4.00 -4.73
CA GLN B 116 2.13 -3.99 -6.07
C GLN B 116 2.61 -5.38 -6.39
N ALA B 117 1.64 -6.25 -6.66
CA ALA B 117 1.85 -7.70 -6.85
C ALA B 117 2.90 -8.19 -5.84
N CYS B 118 3.87 -9.02 -6.25
CA CYS B 118 4.78 -9.65 -5.30
C CYS B 118 5.83 -8.65 -4.81
N TYR B 119 5.79 -7.40 -5.28
CA TYR B 119 6.67 -6.32 -4.77
C TYR B 119 6.12 -5.73 -3.46
N SER B 120 4.86 -6.02 -3.07
CA SER B 120 4.15 -5.38 -1.92
C SER B 120 4.95 -5.46 -0.60
N GLY B 121 5.57 -6.60 -0.35
CA GLY B 121 6.36 -6.81 0.87
C GLY B 121 7.60 -5.93 0.95
N THR B 122 8.38 -5.89 -0.13
CA THR B 122 9.61 -5.08 -0.22
C THR B 122 9.26 -3.60 -0.11
N ALA B 123 8.25 -3.14 -0.84
CA ALA B 123 7.70 -1.78 -0.64
C ALA B 123 7.52 -1.48 0.87
N ALA B 124 6.77 -2.30 1.58
CA ALA B 124 6.48 -2.16 3.02
C ALA B 124 7.79 -2.16 3.81
N THR B 125 8.68 -3.12 3.55
CA THR B 125 9.98 -3.22 4.27
C THR B 125 10.80 -1.93 4.09
N GLN B 126 10.94 -1.44 2.84
CA GLN B 126 11.83 -0.28 2.57
C GLN B 126 11.20 0.98 3.17
N ALA B 128 9.27 1.04 5.94
CA ALA B 128 9.50 0.90 7.36
C ALA B 128 10.97 1.21 7.70
N ALA B 129 11.91 0.74 6.88
CA ALA B 129 13.35 1.01 7.11
C ALA B 129 13.58 2.51 7.09
N ALA B 130 12.95 3.22 6.13
CA ALA B 130 13.09 4.69 5.99
C ALA B 130 12.54 5.38 7.25
N VAL B 131 11.39 4.94 7.76
CA VAL B 131 10.74 5.55 8.97
C VAL B 131 11.67 5.37 10.19
N VAL B 132 12.21 4.19 10.41
CA VAL B 132 13.17 3.88 11.50
C VAL B 132 14.44 4.71 11.34
N ALA B 133 15.02 4.79 10.15
CA ALA B 133 16.23 5.59 9.90
C ALA B 133 15.92 7.07 10.14
N ALA B 134 14.77 7.56 9.70
CA ALA B 134 14.42 9.00 9.71
C ALA B 134 14.03 9.47 11.12
N SER B 135 13.53 8.59 11.99
CA SER B 135 13.00 9.01 13.31
C SER B 135 14.10 9.76 14.08
N PRO B 136 13.85 10.95 14.65
CA PRO B 136 14.85 11.58 15.52
C PRO B 136 15.07 10.79 16.82
N PHE B 137 14.18 9.86 17.19
CA PHE B 137 14.26 9.04 18.42
C PHE B 137 14.95 7.71 18.09
N ASP B 138 15.76 7.20 19.01
CA ASP B 138 16.38 5.86 18.85
C ASP B 138 15.29 4.87 19.27
N GLY B 139 15.38 3.65 18.78
CA GLY B 139 14.56 2.53 19.30
C GLY B 139 13.22 2.43 18.61
N ALA B 140 13.00 3.09 17.48
CA ALA B 140 11.70 2.95 16.79
C ALA B 140 11.63 1.53 16.21
N LYS B 141 10.49 0.87 16.32
CA LYS B 141 10.30 -0.44 15.66
C LYS B 141 9.09 -0.37 14.72
N ALA B 142 9.13 -1.18 13.64
CA ALA B 142 8.02 -1.41 12.69
C ALA B 142 7.85 -2.92 12.55
N LEU B 143 6.61 -3.36 12.39
CA LEU B 143 6.27 -4.74 12.02
C LEU B 143 5.78 -4.73 10.57
N VAL B 144 6.46 -5.46 9.68
CA VAL B 144 6.07 -5.59 8.25
C VAL B 144 5.74 -7.04 8.05
N ILE B 145 4.56 -7.31 7.51
CA ILE B 145 4.16 -8.71 7.25
C ILE B 145 3.74 -8.82 5.80
N SER B 146 4.39 -9.73 5.07
CA SER B 146 4.10 -10.10 3.69
C SER B 146 3.19 -11.30 3.79
N SER B 147 1.96 -11.19 3.28
CA SER B 147 0.98 -12.29 3.45
C SER B 147 0.13 -12.45 2.22
N ASP B 148 0.04 -13.67 1.70
CA ASP B 148 -0.83 -13.95 0.51
C ASP B 148 -1.36 -15.37 0.58
N VAL B 149 -2.62 -15.53 0.19
CA VAL B 149 -3.33 -16.81 0.04
C VAL B 149 -3.95 -16.80 -1.35
N ALA B 150 -3.12 -16.82 -2.38
CA ALA B 150 -3.56 -16.92 -3.80
C ALA B 150 -4.47 -18.15 -3.95
N ARG B 151 -5.57 -18.05 -4.70
CA ARG B 151 -6.48 -19.19 -4.97
C ARG B 151 -6.07 -19.80 -6.30
N PRO B 152 -5.46 -20.99 -6.32
CA PRO B 152 -5.01 -21.58 -7.57
C PRO B 152 -6.20 -21.86 -8.50
N VAL B 153 -6.00 -21.73 -9.81
CA VAL B 153 -6.98 -22.15 -10.85
C VAL B 153 -6.59 -23.54 -11.34
N PRO B 154 -7.37 -24.59 -10.99
CA PRO B 154 -7.12 -25.95 -11.44
C PRO B 154 -6.94 -26.07 -12.96
N HIS B 155 -6.02 -26.93 -13.39
CA HIS B 155 -5.71 -27.23 -14.81
C HIS B 155 -4.95 -26.06 -15.45
N THR B 156 -4.34 -25.17 -14.66
CA THR B 156 -3.34 -24.18 -15.17
C THR B 156 -1.95 -24.73 -14.86
N TYR B 157 -0.94 -24.29 -15.60
CA TYR B 157 0.47 -24.64 -15.30
C TYR B 157 0.92 -23.79 -14.13
N VAL B 158 0.25 -22.68 -13.85
CA VAL B 158 0.63 -21.81 -12.69
C VAL B 158 0.32 -22.53 -11.35
N GLU B 159 -0.80 -23.26 -11.30
CA GLU B 159 -1.39 -23.83 -10.06
C GLU B 159 -0.32 -24.51 -9.18
N PRO B 160 0.51 -25.45 -9.71
CA PRO B 160 1.45 -26.18 -8.85
C PRO B 160 2.62 -25.33 -8.35
N SER B 161 2.83 -24.13 -8.88
CA SER B 161 3.86 -23.17 -8.41
C SER B 161 3.33 -22.26 -7.30
N GLN B 162 2.00 -22.23 -7.07
CA GLN B 162 1.34 -21.27 -6.12
C GLN B 162 1.18 -21.91 -4.74
N GLY B 163 1.72 -21.26 -3.72
CA GLY B 163 1.47 -21.68 -2.33
C GLY B 163 0.69 -20.64 -1.56
N ALA B 164 0.76 -20.75 -0.24
CA ALA B 164 0.15 -19.84 0.75
C ALA B 164 1.19 -19.62 1.83
N GLY B 165 1.39 -18.38 2.23
CA GLY B 165 2.46 -18.11 3.19
C GLY B 165 2.45 -16.66 3.64
N ALA B 166 2.96 -16.41 4.82
CA ALA B 166 3.25 -15.05 5.33
C ALA B 166 4.64 -15.06 5.96
N VAL B 167 5.31 -13.93 5.86
CA VAL B 167 6.66 -13.72 6.46
C VAL B 167 6.55 -12.41 7.21
N ALA B 168 6.81 -12.47 8.51
CA ALA B 168 6.78 -11.29 9.40
C ALA B 168 8.19 -10.91 9.76
N LEU B 170 10.30 -7.78 12.09
CA LEU B 170 10.50 -6.59 12.90
C LEU B 170 11.63 -5.82 12.24
N ILE B 171 11.38 -4.57 11.99
CA ILE B 171 12.36 -3.68 11.36
C ILE B 171 12.73 -2.66 12.44
N SER B 172 14.01 -2.43 12.65
CA SER B 172 14.51 -1.62 13.79
C SER B 172 15.98 -1.25 13.55
N ASP B 173 16.51 -0.50 14.50
CA ASP B 173 17.94 -0.10 14.55
C ASP B 173 18.72 -1.15 15.34
N GLN B 174 18.19 -2.37 15.50
CA GLN B 174 18.91 -3.53 16.09
C GLN B 174 18.79 -4.71 15.15
N PRO B 175 19.35 -4.59 13.91
CA PRO B 175 19.07 -5.54 12.82
C PRO B 175 19.92 -6.83 12.83
N VAL B 176 19.66 -7.70 13.80
CA VAL B 176 20.35 -8.99 14.09
C VAL B 176 20.28 -9.88 12.86
N VAL B 177 19.11 -9.92 12.22
CA VAL B 177 18.87 -10.89 11.11
C VAL B 177 19.53 -10.37 9.85
N ALA B 178 19.35 -9.09 9.52
CA ALA B 178 19.93 -8.56 8.28
C ALA B 178 20.00 -7.05 8.40
N SER B 179 21.19 -6.51 8.21
CA SER B 179 21.50 -5.08 8.30
C SER B 179 21.54 -4.53 6.86
N PHE B 180 20.59 -3.67 6.50
CA PHE B 180 20.43 -3.11 5.13
C PHE B 180 21.62 -2.20 4.84
N ASP B 181 22.17 -2.29 3.63
CA ASP B 181 23.15 -1.31 3.11
C ASP B 181 22.40 -0.03 2.74
N ARG B 182 22.60 1.01 3.53
CA ARG B 182 21.83 2.26 3.45
C ARG B 182 22.03 2.92 2.10
N GLY B 183 20.94 3.20 1.37
CA GLY B 183 20.95 3.86 0.06
C GLY B 183 21.39 2.98 -1.09
N ALA B 184 21.78 1.72 -0.82
CA ALA B 184 22.21 0.78 -1.87
C ALA B 184 20.94 0.14 -2.46
N ASN B 185 20.25 0.87 -3.33
CA ASN B 185 18.92 0.45 -3.83
C ASN B 185 18.84 0.85 -5.29
N GLY B 186 18.64 -0.12 -6.18
CA GLY B 186 18.36 0.09 -7.61
C GLY B 186 16.92 -0.29 -7.90
N PHE B 187 16.25 0.50 -8.71
CA PHE B 187 14.82 0.29 -9.04
C PHE B 187 14.68 0.21 -10.54
N HIS B 188 13.65 -0.52 -10.91
CA HIS B 188 13.20 -0.64 -12.31
C HIS B 188 11.74 -1.05 -12.32
N SER B 189 10.91 -0.13 -12.82
CA SER B 189 9.44 -0.19 -12.71
C SER B 189 8.84 0.49 -13.95
N TYR B 190 7.75 -0.07 -14.46
CA TYR B 190 7.02 0.51 -15.62
C TYR B 190 5.77 -0.33 -15.81
N GLU B 191 4.77 0.25 -16.48
CA GLU B 191 3.50 -0.46 -16.67
C GLU B 191 3.71 -1.47 -17.78
N VAL B 192 3.27 -2.69 -17.56
CA VAL B 192 3.38 -3.75 -18.59
C VAL B 192 2.37 -4.82 -18.20
N ASP B 208 3.86 -15.87 -19.47
CA ASP B 208 3.92 -15.46 -20.90
C ASP B 208 5.13 -14.52 -21.05
N LEU B 209 4.94 -13.22 -21.27
CA LEU B 209 6.04 -12.20 -21.23
C LEU B 209 6.76 -12.24 -19.88
N SER B 210 6.32 -13.02 -18.90
CA SER B 210 6.68 -12.77 -17.48
C SER B 210 8.18 -13.02 -17.28
N LEU B 211 8.74 -14.03 -17.96
CA LEU B 211 10.18 -14.35 -17.84
C LEU B 211 10.97 -13.16 -18.39
N LEU B 212 10.49 -12.54 -19.47
CA LEU B 212 11.23 -11.46 -20.13
C LEU B 212 11.22 -10.26 -19.20
N THR B 213 10.09 -9.97 -18.56
CA THR B 213 9.97 -8.79 -17.65
C THR B 213 10.82 -9.00 -16.40
N TYR B 214 10.82 -10.21 -15.84
CA TYR B 214 11.63 -10.56 -14.64
C TYR B 214 13.11 -10.29 -14.98
N ILE B 215 13.56 -10.77 -16.14
CA ILE B 215 14.99 -10.65 -16.56
C ILE B 215 15.34 -9.19 -16.77
N ASP B 216 14.52 -8.48 -17.53
CA ASP B 216 14.70 -7.02 -17.73
C ASP B 216 14.81 -6.34 -16.35
N CYS B 217 13.93 -6.63 -15.39
CA CYS B 217 13.97 -5.98 -14.04
C CYS B 217 15.24 -6.40 -13.26
N LEU B 218 15.66 -7.67 -13.33
CA LEU B 218 16.85 -8.12 -12.54
C LEU B 218 18.04 -7.34 -13.06
N LYS B 219 18.24 -7.35 -14.39
CA LYS B 219 19.38 -6.67 -15.04
C LYS B 219 19.33 -5.17 -14.76
N SER B 220 18.18 -4.51 -15.02
CA SER B 220 18.06 -3.04 -14.93
C SER B 220 18.07 -2.53 -13.49
N SER B 221 17.40 -3.22 -12.56
CA SER B 221 17.39 -2.84 -11.12
C SER B 221 18.84 -2.97 -10.59
N PHE B 222 19.56 -4.03 -10.96
CA PHE B 222 20.99 -4.18 -10.55
C PHE B 222 21.86 -3.05 -11.16
N THR B 223 21.59 -2.69 -12.41
CA THR B 223 22.33 -1.61 -13.12
C THR B 223 22.10 -0.31 -12.34
N ASP B 224 20.85 -0.08 -11.94
CA ASP B 224 20.49 1.14 -11.14
C ASP B 224 21.22 1.11 -9.80
N TYR B 225 21.33 -0.04 -9.17
CA TYR B 225 22.08 -0.25 -7.90
C TYR B 225 23.54 0.13 -8.11
N ALA B 226 24.13 -0.31 -9.22
CA ALA B 226 25.55 -0.08 -9.56
C ALA B 226 25.77 1.41 -9.83
N ARG B 227 24.79 2.08 -10.40
CA ARG B 227 24.84 3.55 -10.59
C ARG B 227 25.00 4.22 -9.22
N LYS B 228 24.39 3.69 -8.17
CA LYS B 228 24.40 4.39 -6.87
C LYS B 228 25.52 3.86 -5.98
N VAL B 229 26.07 2.70 -6.30
CA VAL B 229 27.06 1.97 -5.44
C VAL B 229 28.35 1.77 -6.25
N GLU B 230 29.35 2.60 -5.98
CA GLU B 230 30.62 2.59 -6.73
C GLU B 230 31.25 1.19 -6.68
N GLY B 231 31.51 0.60 -7.84
CA GLY B 231 32.24 -0.68 -7.92
C GLY B 231 31.33 -1.89 -7.80
N ALA B 232 30.01 -1.73 -7.82
CA ALA B 232 29.06 -2.85 -7.67
C ALA B 232 29.26 -3.87 -8.79
N ASP B 233 29.29 -5.15 -8.47
CA ASP B 233 29.41 -6.21 -9.48
C ASP B 233 28.47 -7.32 -9.05
N LEU B 234 27.65 -7.82 -9.97
CA LEU B 234 26.59 -8.78 -9.61
C LEU B 234 27.19 -10.09 -9.09
N VAL B 235 28.47 -10.36 -9.36
CA VAL B 235 29.16 -11.56 -8.79
C VAL B 235 30.00 -11.10 -7.58
N ASP B 236 30.90 -10.14 -7.74
CA ASP B 236 31.95 -9.84 -6.72
C ASP B 236 31.38 -9.13 -5.49
N SER B 237 30.26 -8.43 -5.57
CA SER B 237 29.76 -7.60 -4.44
C SER B 237 28.96 -8.46 -3.46
N PHE B 238 28.49 -9.63 -3.87
CA PHE B 238 27.51 -10.40 -3.07
C PHE B 238 28.01 -11.84 -2.88
N ASP B 239 28.17 -12.24 -1.61
CA ASP B 239 28.47 -13.65 -1.23
C ASP B 239 27.29 -14.56 -1.58
N LEU B 240 26.07 -14.04 -1.49
CA LEU B 240 24.82 -14.83 -1.64
C LEU B 240 23.77 -13.95 -2.31
N LEU B 241 22.79 -14.58 -2.94
CA LEU B 241 21.65 -13.90 -3.60
C LEU B 241 20.36 -14.51 -3.08
N ALA B 242 19.34 -13.68 -2.97
CA ALA B 242 17.99 -14.11 -2.58
C ALA B 242 17.02 -13.35 -3.44
N HIS B 244 12.97 -12.96 -5.43
CA HIS B 244 11.58 -13.35 -5.64
C HIS B 244 11.57 -14.58 -6.53
N THR B 245 10.86 -15.63 -6.11
CA THR B 245 10.90 -16.99 -6.71
C THR B 245 9.49 -17.38 -7.14
N PRO B 246 9.02 -16.95 -8.34
CA PRO B 246 7.74 -17.44 -8.85
C PRO B 246 7.77 -18.99 -8.88
N PHE B 247 8.91 -19.52 -9.28
CA PHE B 247 9.29 -20.95 -9.10
C PHE B 247 10.80 -21.01 -9.34
N PRO B 248 11.52 -21.99 -8.78
CA PRO B 248 12.99 -21.93 -8.78
C PRO B 248 13.61 -21.98 -10.19
N GLY B 249 12.94 -22.63 -11.16
CA GLY B 249 13.42 -22.65 -12.54
C GLY B 249 13.49 -21.26 -13.18
N VAL B 251 14.03 -18.34 -11.51
CA VAL B 251 15.23 -17.73 -10.89
C VAL B 251 16.48 -18.28 -11.59
N LYS B 252 16.52 -19.61 -11.81
CA LYS B 252 17.75 -20.18 -12.41
C LYS B 252 17.93 -19.65 -13.85
N GLY B 253 16.86 -19.60 -14.63
CA GLY B 253 16.89 -19.04 -15.99
C GLY B 253 17.28 -17.58 -15.97
N ALA B 254 16.69 -16.77 -15.08
CA ALA B 254 16.95 -15.31 -15.03
C ALA B 254 18.40 -15.05 -14.61
N HIS B 255 18.90 -15.79 -13.62
CA HIS B 255 20.31 -15.75 -13.17
C HIS B 255 21.20 -16.00 -14.38
N ARG B 256 20.91 -17.07 -15.11
CA ARG B 256 21.73 -17.44 -16.29
C ARG B 256 21.66 -16.33 -17.34
N ALA B 257 20.47 -15.85 -17.66
CA ALA B 257 20.29 -14.81 -18.70
C ALA B 257 21.09 -13.56 -18.31
N VAL B 258 21.00 -13.15 -17.05
CA VAL B 258 21.61 -11.85 -16.64
C VAL B 258 23.14 -11.97 -16.51
N LEU B 259 23.67 -13.05 -15.94
CA LEU B 259 25.15 -13.22 -15.92
C LEU B 259 25.67 -13.39 -17.35
N ARG B 260 24.92 -14.04 -18.27
CA ARG B 260 25.33 -14.20 -19.70
C ARG B 260 25.53 -12.79 -20.27
N LYS B 261 24.58 -11.88 -20.03
CA LYS B 261 24.58 -10.56 -20.69
C LYS B 261 25.60 -9.65 -19.99
N LEU B 262 25.62 -9.60 -18.66
CA LEU B 262 26.43 -8.58 -17.92
C LEU B 262 27.87 -9.06 -17.79
N LYS B 263 28.12 -10.36 -17.69
CA LYS B 263 29.49 -10.86 -17.34
C LYS B 263 30.09 -11.74 -18.45
N ARG B 264 29.31 -12.27 -19.39
CA ARG B 264 29.84 -13.12 -20.49
C ARG B 264 30.65 -14.26 -19.86
N SER B 266 31.34 -18.28 -18.73
CA SER B 266 31.13 -19.60 -19.32
C SER B 266 29.91 -20.25 -18.69
N PRO B 267 29.22 -21.19 -19.39
CA PRO B 267 28.08 -21.90 -18.82
C PRO B 267 28.39 -22.62 -17.50
N GLN B 268 29.60 -23.15 -17.34
CA GLN B 268 29.96 -23.91 -16.11
C GLN B 268 30.11 -22.90 -14.97
N ALA B 269 30.81 -21.78 -15.19
CA ALA B 269 30.95 -20.71 -14.19
C ALA B 269 29.56 -20.21 -13.71
N VAL B 270 28.59 -20.09 -14.62
CA VAL B 270 27.22 -19.62 -14.31
C VAL B 270 26.52 -20.69 -13.44
N GLU B 271 26.59 -21.95 -13.84
CA GLU B 271 26.00 -23.08 -13.08
C GLU B 271 26.58 -23.13 -11.67
N ASP B 272 27.90 -23.01 -11.54
CA ASP B 272 28.62 -23.06 -10.25
C ASP B 272 28.18 -21.83 -9.44
N ASP B 273 27.96 -20.67 -10.08
CA ASP B 273 27.55 -19.47 -9.32
C ASP B 273 26.14 -19.70 -8.76
N PHE B 274 25.24 -20.30 -9.54
CA PHE B 274 23.87 -20.62 -9.08
C PHE B 274 23.96 -21.53 -7.85
N ALA B 275 24.77 -22.59 -7.93
CA ALA B 275 24.92 -23.57 -6.83
C ALA B 275 25.41 -22.83 -5.60
N ALA B 276 26.44 -22.00 -5.73
CA ALA B 276 27.07 -21.34 -4.57
C ALA B 276 26.14 -20.24 -4.00
N ARG B 277 25.44 -19.46 -4.83
CA ARG B 277 24.83 -18.20 -4.31
C ARG B 277 23.28 -18.22 -4.28
N LEU B 278 22.63 -19.15 -4.97
CA LEU B 278 21.16 -19.17 -5.08
C LEU B 278 20.56 -20.48 -4.61
N SER B 279 21.29 -21.62 -4.58
CA SER B 279 20.68 -22.92 -4.21
C SER B 279 20.11 -22.86 -2.78
N ALA B 280 20.74 -22.19 -1.81
CA ALA B 280 20.19 -22.05 -0.44
C ALA B 280 18.87 -21.23 -0.47
N ALA B 281 18.84 -20.14 -1.25
CA ALA B 281 17.70 -19.21 -1.28
C ALA B 281 16.46 -19.94 -1.83
N VAL B 282 16.62 -20.90 -2.74
CA VAL B 282 15.42 -21.52 -3.39
C VAL B 282 14.96 -22.73 -2.59
N GLU B 283 15.67 -23.10 -1.51
CA GLU B 283 15.37 -24.37 -0.80
C GLU B 283 13.97 -24.30 -0.15
N TYR B 284 13.64 -23.25 0.59
CA TYR B 284 12.28 -23.17 1.20
C TYR B 284 11.23 -22.90 0.13
N PRO B 285 11.46 -21.98 -0.82
CA PRO B 285 10.49 -21.72 -1.89
C PRO B 285 10.13 -22.98 -2.71
N ARG B 286 11.11 -23.85 -2.99
CA ARG B 286 10.80 -25.10 -3.74
C ARG B 286 9.92 -26.05 -2.91
N GLN B 287 9.85 -25.91 -1.60
CA GLN B 287 8.93 -26.69 -0.73
C GLN B 287 7.63 -25.97 -0.38
N VAL B 288 7.45 -24.73 -0.80
CA VAL B 288 6.29 -23.89 -0.33
C VAL B 288 5.52 -23.41 -1.54
N GLY B 289 6.24 -23.02 -2.59
CA GLY B 289 5.69 -22.42 -3.81
C GLY B 289 5.72 -20.90 -3.69
N ASN B 290 5.33 -20.23 -4.74
CA ASN B 290 5.23 -18.76 -4.75
C ASN B 290 4.21 -18.35 -3.68
N ILE B 291 4.60 -17.51 -2.73
CA ILE B 291 3.64 -16.86 -1.77
C ILE B 291 3.59 -15.36 -2.04
N TYR B 292 3.95 -14.94 -3.25
CA TYR B 292 3.85 -13.55 -3.75
C TYR B 292 4.65 -12.64 -2.81
N ALA B 293 3.99 -11.77 -2.05
CA ALA B 293 4.62 -10.66 -1.30
C ALA B 293 5.85 -11.22 -0.54
N GLY B 294 5.67 -12.36 0.10
CA GLY B 294 6.63 -12.90 1.08
C GLY B 294 7.76 -13.72 0.48
N THR B 295 7.70 -14.07 -0.80
CA THR B 295 8.58 -15.13 -1.37
C THR B 295 10.06 -14.67 -1.29
N VAL B 296 10.35 -13.43 -1.64
CA VAL B 296 11.73 -12.89 -1.55
C VAL B 296 12.24 -13.01 -0.08
N PHE B 297 11.36 -12.83 0.91
CA PHE B 297 11.73 -12.84 2.34
C PHE B 297 11.88 -14.32 2.75
N LEU B 298 11.04 -15.20 2.22
CA LEU B 298 11.21 -16.65 2.43
C LEU B 298 12.56 -17.09 1.85
N ALA B 299 12.93 -16.57 0.67
CA ALA B 299 14.24 -16.80 0.01
C ALA B 299 15.37 -16.27 0.91
N LEU B 300 15.17 -15.13 1.55
CA LEU B 300 16.24 -14.58 2.42
C LEU B 300 16.39 -15.49 3.63
N ALA B 301 15.28 -15.87 4.28
CA ALA B 301 15.30 -16.76 5.46
C ALA B 301 15.97 -18.08 5.04
N SER B 302 15.66 -18.54 3.82
CA SER B 302 16.16 -19.85 3.31
C SER B 302 17.68 -19.76 3.11
N THR B 303 18.14 -18.64 2.60
CA THR B 303 19.57 -18.35 2.36
C THR B 303 20.32 -18.37 3.70
N ILE B 304 19.75 -17.72 4.72
CA ILE B 304 20.36 -17.67 6.07
C ILE B 304 20.39 -19.08 6.68
N ASP B 305 19.28 -19.82 6.62
CA ASP B 305 19.15 -21.18 7.20
C ASP B 305 19.95 -22.24 6.43
N ASN B 306 20.03 -22.15 5.10
CA ASN B 306 20.57 -23.26 4.28
C ASN B 306 22.00 -22.98 3.79
N ALA B 307 22.52 -21.78 3.91
CA ALA B 307 23.92 -21.52 3.52
C ALA B 307 24.75 -21.61 4.80
N VAL B 308 26.05 -21.72 4.67
CA VAL B 308 26.91 -21.62 5.88
C VAL B 308 27.19 -20.14 6.07
N ILE B 309 26.66 -19.57 7.14
CA ILE B 309 26.97 -18.15 7.46
C ILE B 309 28.09 -18.16 8.53
N ASP B 310 29.34 -18.12 8.07
CA ASP B 310 30.60 -18.39 8.84
C ASP B 310 31.22 -17.08 9.33
N ARG B 311 30.74 -15.94 8.82
CA ARG B 311 31.30 -14.59 9.04
C ARG B 311 30.27 -13.58 8.49
N GLU B 312 30.59 -12.30 8.48
CA GLU B 312 29.72 -11.32 7.79
C GLU B 312 29.69 -11.67 6.31
N ARG B 313 28.51 -11.80 5.75
CA ARG B 313 28.30 -12.09 4.33
C ARG B 313 27.26 -11.08 3.78
N ARG B 314 27.47 -10.64 2.56
CA ARG B 314 26.58 -9.67 1.91
C ARG B 314 25.66 -10.45 0.97
N VAL B 315 24.36 -10.32 1.18
CA VAL B 315 23.30 -10.87 0.27
C VAL B 315 22.80 -9.77 -0.66
N GLY B 316 22.80 -10.06 -1.96
CA GLY B 316 22.13 -9.29 -3.00
C GLY B 316 20.69 -9.74 -3.07
N ILE B 317 19.75 -8.80 -3.04
CA ILE B 317 18.31 -9.13 -2.90
C ILE B 317 17.60 -8.46 -4.08
N PHE B 318 16.82 -9.26 -4.81
CA PHE B 318 16.06 -8.81 -5.97
C PHE B 318 14.58 -9.09 -5.67
N SER B 319 13.81 -8.04 -5.59
CA SER B 319 12.35 -8.12 -5.38
C SER B 319 11.70 -7.64 -6.67
N TYR B 320 10.60 -8.28 -7.01
CA TYR B 320 9.86 -8.10 -8.28
C TYR B 320 8.36 -8.30 -7.99
N GLY B 321 7.54 -7.50 -8.65
CA GLY B 321 6.10 -7.77 -8.75
C GLY B 321 5.67 -7.48 -10.19
N SER B 322 4.96 -8.41 -10.81
CA SER B 322 4.32 -8.25 -12.15
C SER B 322 3.68 -6.87 -12.24
N GLY B 323 3.74 -6.24 -13.41
CA GLY B 323 2.84 -5.11 -13.69
C GLY B 323 3.47 -3.76 -14.01
N CYS B 324 4.73 -3.41 -13.62
CA CYS B 324 5.66 -4.14 -12.77
C CYS B 324 6.38 -3.12 -11.87
N SER B 325 6.96 -3.58 -10.76
CA SER B 325 7.94 -2.77 -10.01
C SER B 325 9.02 -3.68 -9.44
N SER B 326 10.26 -3.21 -9.33
CA SER B 326 11.34 -4.13 -8.93
C SER B 326 12.42 -3.32 -8.25
N GLU B 327 13.16 -3.97 -7.37
CA GLU B 327 14.22 -3.32 -6.59
C GLU B 327 15.32 -4.34 -6.39
N PHE B 328 16.55 -3.85 -6.48
CA PHE B 328 17.75 -4.62 -6.13
C PHE B 328 18.36 -3.87 -4.97
N TYR B 329 18.61 -4.60 -3.89
CA TYR B 329 19.18 -4.00 -2.67
C TYR B 329 20.09 -5.06 -2.04
N SER B 330 20.72 -4.70 -0.92
CA SER B 330 21.69 -5.64 -0.29
C SER B 330 21.64 -5.47 1.22
N ALA B 331 22.01 -6.53 1.93
CA ALA B 331 22.06 -6.56 3.40
C ALA B 331 23.20 -7.46 3.86
N VAL B 332 23.66 -7.24 5.08
CA VAL B 332 24.73 -8.07 5.71
C VAL B 332 24.10 -8.98 6.76
N VAL B 333 24.46 -10.24 6.67
CA VAL B 333 24.03 -11.33 7.57
C VAL B 333 25.30 -11.88 8.22
N THR B 334 25.14 -12.42 9.42
CA THR B 334 26.25 -12.83 10.29
C THR B 334 25.90 -14.15 10.93
N PRO B 335 26.86 -14.81 11.62
CA PRO B 335 26.53 -15.99 12.41
C PRO B 335 25.36 -15.73 13.38
N GLU B 336 25.26 -14.54 13.99
CA GLU B 336 24.11 -14.25 14.88
C GLU B 336 22.78 -14.28 14.11
N SER B 337 22.77 -13.81 12.85
CA SER B 337 21.60 -13.94 11.94
C SER B 337 21.18 -15.42 11.84
N GLN B 338 22.13 -16.30 11.52
CA GLN B 338 21.88 -17.75 11.35
C GLN B 338 21.34 -18.35 12.64
N ARG B 339 21.90 -18.02 13.81
CA ARG B 339 21.36 -18.47 15.12
C ARG B 339 19.93 -17.97 15.33
N ALA B 340 19.63 -16.72 15.00
CA ALA B 340 18.29 -16.14 15.29
C ALA B 340 17.21 -16.82 14.41
N VAL B 341 17.53 -17.06 13.14
CA VAL B 341 16.59 -17.71 12.20
C VAL B 341 16.44 -19.17 12.55
N ARG B 342 17.56 -19.86 12.86
CA ARG B 342 17.50 -21.29 13.25
C ARG B 342 16.54 -21.46 14.44
N ALA B 343 16.52 -20.53 15.39
CA ALA B 343 15.65 -20.67 16.59
C ALA B 343 14.18 -20.63 16.21
N GLY B 345 12.93 -22.38 13.80
CA GLY B 345 12.53 -23.74 13.42
C GLY B 345 11.70 -23.82 12.14
N ILE B 346 12.08 -23.09 11.11
CA ILE B 346 11.27 -23.02 9.85
C ILE B 346 11.27 -24.40 9.19
N ARG B 347 12.41 -25.05 9.09
CA ARG B 347 12.47 -26.35 8.39
C ARG B 347 11.56 -27.36 9.09
N GLN B 348 11.57 -27.41 10.42
CA GLN B 348 10.73 -28.39 11.15
C GLN B 348 9.26 -28.04 10.94
N ALA B 349 8.92 -26.76 10.95
CA ALA B 349 7.52 -26.33 10.65
C ALA B 349 7.10 -26.75 9.23
N LEU B 350 7.97 -26.62 8.22
CA LEU B 350 7.66 -27.06 6.84
C LEU B 350 7.52 -28.59 6.81
N ASP B 351 8.42 -29.33 7.51
CA ASP B 351 8.36 -30.82 7.53
C ASP B 351 7.16 -31.37 8.31
N ASP B 352 6.54 -30.57 9.16
CA ASP B 352 5.40 -30.97 10.00
C ASP B 352 4.08 -30.81 9.23
N ARG B 353 4.10 -30.23 8.02
CA ARG B 353 2.81 -29.98 7.33
C ARG B 353 2.13 -31.31 6.98
N TYR B 354 0.82 -31.33 7.12
CA TYR B 354 -0.03 -32.48 6.71
C TYR B 354 0.07 -32.71 5.21
N GLU B 355 0.36 -33.94 4.81
CA GLU B 355 0.45 -34.35 3.39
C GLU B 355 -0.96 -34.58 2.79
N LEU B 356 -1.39 -33.75 1.84
CA LEU B 356 -2.72 -33.87 1.19
C LEU B 356 -2.62 -34.92 0.08
N SER B 357 -3.64 -35.75 -0.05
CA SER B 357 -3.95 -36.42 -1.33
C SER B 357 -4.49 -35.32 -2.24
N VAL B 358 -4.52 -35.57 -3.56
CA VAL B 358 -5.10 -34.60 -4.52
C VAL B 358 -6.60 -34.44 -4.25
N PRO B 359 -7.39 -35.48 -3.99
CA PRO B 359 -8.79 -35.27 -3.62
C PRO B 359 -9.02 -34.38 -2.38
N GLU B 360 -8.22 -34.55 -1.33
CA GLU B 360 -8.29 -33.64 -0.15
C GLU B 360 -7.96 -32.20 -0.59
N TYR B 361 -6.91 -32.03 -1.43
CA TYR B 361 -6.48 -30.71 -1.97
C TYR B 361 -7.67 -30.11 -2.73
N ASP B 362 -8.29 -30.89 -3.60
CA ASP B 362 -9.43 -30.44 -4.44
C ASP B 362 -10.60 -29.99 -3.56
N GLU B 363 -10.84 -30.69 -2.46
CA GLU B 363 -11.92 -30.36 -1.50
C GLU B 363 -11.59 -29.05 -0.78
N LEU B 364 -10.33 -28.84 -0.39
CA LEU B 364 -9.92 -27.56 0.25
C LEU B 364 -10.14 -26.41 -0.74
N LEU B 365 -9.76 -26.57 -2.01
CA LEU B 365 -9.94 -25.49 -3.02
C LEU B 365 -11.43 -25.16 -3.12
N THR B 366 -12.29 -26.17 -3.23
CA THR B 366 -13.76 -25.99 -3.37
C THR B 366 -14.31 -25.28 -2.12
N ALA B 367 -13.95 -25.74 -0.93
CA ALA B 367 -14.42 -25.16 0.34
C ALA B 367 -13.95 -23.71 0.44
N THR B 368 -12.71 -23.39 0.03
CA THR B 368 -12.16 -22.01 0.06
C THR B 368 -13.01 -21.06 -0.79
N ALA B 369 -13.34 -21.45 -2.02
CA ALA B 369 -14.00 -20.63 -3.06
C ALA B 369 -15.43 -20.25 -2.65
N GLU B 370 -16.03 -21.01 -1.73
CA GLU B 370 -17.37 -20.74 -1.14
C GLU B 370 -17.38 -19.34 -0.51
N LEU B 371 -16.27 -18.85 0.06
CA LEU B 371 -16.22 -17.46 0.55
C LEU B 371 -15.79 -16.57 -0.63
N LYS B 372 -16.73 -15.81 -1.17
CA LYS B 372 -16.52 -14.99 -2.39
C LYS B 372 -16.06 -13.58 -2.00
N PHE B 373 -15.29 -12.93 -2.86
CA PHE B 373 -14.86 -11.53 -2.65
C PHE B 373 -16.10 -10.66 -2.44
N GLY B 374 -16.10 -9.81 -1.42
CA GLY B 374 -17.22 -8.89 -1.17
C GLY B 374 -18.35 -9.53 -0.39
N ALA B 375 -18.22 -10.81 -0.02
CA ALA B 375 -19.28 -11.52 0.74
C ALA B 375 -19.56 -10.75 2.03
N ARG B 376 -20.83 -10.64 2.39
CA ARG B 376 -21.23 -9.87 3.58
C ARG B 376 -21.33 -10.76 4.82
N ASP B 377 -21.86 -11.99 4.64
CA ASP B 377 -22.16 -12.96 5.71
C ASP B 377 -21.68 -14.32 5.22
N PHE B 378 -20.90 -15.00 6.05
CA PHE B 378 -20.38 -16.35 5.77
C PHE B 378 -19.93 -16.90 7.11
N THR B 379 -20.27 -18.14 7.38
CA THR B 379 -19.85 -18.88 8.60
C THR B 379 -19.11 -20.12 8.17
N PHE B 380 -17.89 -20.31 8.69
CA PHE B 380 -17.05 -21.50 8.44
C PHE B 380 -17.47 -22.59 9.41
N ASP B 381 -17.43 -23.81 8.86
CA ASP B 381 -17.37 -25.08 9.63
C ASP B 381 -15.89 -25.37 9.88
N LEU B 382 -15.38 -25.06 11.07
CA LEU B 382 -13.95 -25.28 11.42
C LEU B 382 -13.59 -26.78 11.54
N ASP B 383 -14.59 -27.66 11.65
CA ASP B 383 -14.37 -29.13 11.76
C ASP B 383 -14.70 -29.82 10.43
N ARG B 384 -14.76 -29.07 9.32
CA ARG B 384 -15.11 -29.64 7.98
C ARG B 384 -14.08 -30.66 7.50
N PHE B 385 -12.81 -30.56 7.91
CA PHE B 385 -11.69 -31.46 7.51
C PHE B 385 -11.07 -32.08 8.76
N PRO B 386 -11.84 -32.93 9.49
CA PRO B 386 -11.47 -33.35 10.83
C PRO B 386 -10.17 -34.15 10.85
N GLN B 387 -9.82 -34.80 9.74
CA GLN B 387 -8.56 -35.58 9.57
C GLN B 387 -7.37 -34.61 9.60
N ILE B 388 -7.56 -33.34 9.23
CA ILE B 388 -6.47 -32.33 9.23
C ILE B 388 -6.40 -31.66 10.60
N THR B 389 -7.52 -31.16 11.13
CA THR B 389 -7.56 -30.42 12.42
C THR B 389 -7.41 -31.40 13.61
N LYS B 390 -7.55 -32.73 13.40
CA LYS B 390 -7.13 -33.77 14.39
C LYS B 390 -5.61 -33.73 14.61
N ALA B 391 -4.82 -33.53 13.54
CA ALA B 391 -3.35 -33.64 13.51
C ALA B 391 -2.67 -32.27 13.64
N ARG B 392 -3.28 -31.22 13.08
CA ARG B 392 -2.69 -29.86 12.98
C ARG B 392 -3.65 -28.86 13.63
N PHE B 393 -3.29 -27.57 13.67
CA PHE B 393 -4.16 -26.49 14.17
C PHE B 393 -4.51 -26.81 15.61
N GLY B 394 -3.51 -27.29 16.38
CA GLY B 394 -3.68 -27.61 17.80
C GLY B 394 -3.96 -29.07 18.06
N GLY B 395 -4.53 -29.81 17.11
CA GLY B 395 -4.56 -31.28 17.18
C GLY B 395 -3.23 -31.85 17.66
N GLY B 396 -3.26 -32.96 18.43
CA GLY B 396 -2.07 -33.72 18.87
C GLY B 396 -1.04 -32.83 19.55
N THR B 397 0.20 -32.79 19.02
CA THR B 397 1.32 -31.92 19.51
C THR B 397 1.49 -30.65 18.66
N SER B 398 0.65 -30.40 17.67
CA SER B 398 0.75 -29.21 16.79
C SER B 398 0.53 -27.94 17.61
N ARG B 399 0.99 -26.80 17.12
CA ARG B 399 0.81 -25.53 17.85
C ARG B 399 -0.54 -24.92 17.48
N PRO B 400 -1.14 -24.11 18.36
CA PRO B 400 -2.41 -23.46 18.07
C PRO B 400 -2.22 -22.52 16.86
N ARG B 401 -3.28 -22.33 16.06
CA ARG B 401 -3.28 -21.43 14.88
C ARG B 401 -4.53 -20.55 14.94
N LEU B 402 -4.38 -19.26 14.68
CA LEU B 402 -5.55 -18.43 14.33
C LEU B 402 -6.12 -18.85 12.95
N VAL B 403 -7.46 -18.96 12.87
CA VAL B 403 -8.17 -19.20 11.60
C VAL B 403 -9.31 -18.17 11.46
N LEU B 404 -9.82 -18.02 10.26
CA LEU B 404 -11.02 -17.20 9.97
C LEU B 404 -12.25 -18.06 10.31
N GLU B 405 -13.15 -17.57 11.15
CA GLU B 405 -14.36 -18.34 11.53
C GLU B 405 -15.61 -17.78 10.84
N ALA B 406 -15.72 -16.47 10.63
CA ALA B 406 -16.97 -15.89 10.09
C ALA B 406 -16.70 -14.52 9.50
N VAL B 407 -17.57 -14.14 8.58
CA VAL B 407 -17.77 -12.74 8.13
C VAL B 407 -19.20 -12.42 8.54
N ARG B 408 -19.36 -11.39 9.39
CA ARG B 408 -20.66 -10.92 9.94
C ARG B 408 -20.80 -9.46 9.57
N ASN B 409 -21.72 -9.14 8.66
CA ASN B 409 -21.91 -7.78 8.12
C ASN B 409 -20.55 -7.18 7.68
N TYR B 410 -19.77 -7.93 6.90
CA TYR B 410 -18.43 -7.60 6.35
C TYR B 410 -17.32 -7.72 7.41
N HIS B 411 -17.64 -7.82 8.68
CA HIS B 411 -16.59 -7.88 9.75
C HIS B 411 -16.06 -9.31 9.85
N ARG B 412 -14.75 -9.46 9.81
CA ARG B 412 -14.06 -10.76 9.83
C ARG B 412 -13.79 -11.10 11.30
N GLU B 413 -14.09 -12.33 11.66
CA GLU B 413 -13.99 -12.84 13.03
C GLU B 413 -13.17 -14.12 12.97
N TYR B 414 -12.18 -14.18 13.87
CA TYR B 414 -11.08 -15.17 13.93
C TYR B 414 -11.19 -15.95 15.25
N VAL B 415 -10.77 -17.20 15.18
CA VAL B 415 -10.71 -18.14 16.30
C VAL B 415 -9.29 -18.69 16.44
N TRP B 416 -8.82 -18.80 17.67
CA TRP B 416 -7.55 -19.49 18.05
C TRP B 416 -7.88 -20.98 18.09
N LEU B 417 -7.47 -21.73 17.09
CA LEU B 417 -7.99 -23.12 16.90
C LEU B 417 -7.13 -24.10 17.69
N GLY B 418 -5.90 -23.74 18.05
CA GLY B 418 -5.16 -24.55 19.02
C GLY B 418 -6.06 -25.27 20.02
#